data_6H7Z
#
_entry.id   6H7Z
#
_cell.length_a   101.222
_cell.length_b   130.389
_cell.length_c   158.469
_cell.angle_alpha   90.00
_cell.angle_beta   90.00
_cell.angle_gamma   90.00
#
_symmetry.space_group_name_H-M   'I 2 2 2'
#
loop_
_entity.id
_entity.type
_entity.pdbx_description
1 polymer 'Glutamate carboxypeptidase 2'
2 branched 2-acetamido-2-deoxy-beta-D-glucopyranose-(1-4)-2-acetamido-2-deoxy-beta-D-glucopyranose
3 branched beta-D-mannopyranose-(1-4)-2-acetamido-2-deoxy-beta-D-glucopyranose-(1-4)-2-acetamido-2-deoxy-beta-D-glucopyranose
4 branched alpha-D-mannopyranose-(1-3)-[alpha-D-mannopyranose-(1-6)]beta-D-mannopyranose-(1-4)-2-acetamido-2-deoxy-beta-D-glucopyranose-(1-4)-2-acetamido-2-deoxy-beta-D-glucopyranose
5 non-polymer 'ZINC ION'
6 non-polymer 'CALCIUM ION'
7 non-polymer 'CHLORIDE ION'
8 non-polymer 2-acetamido-2-deoxy-beta-D-glucopyranose
9 non-polymer DI(HYDROXYETHYL)ETHER
10 non-polymer 1,2-ETHANEDIOL
11 non-polymer 2-AMINO-2-HYDROXYMETHYL-PROPANE-1,3-DIOL
12 non-polymer '(2~{S})-2-[[(2~{S})-6-[(6-fluoranylpyridin-3-yl)-methyl-amino]-1-oxidanyl-1,6-bis(oxidanylidene)hexan-2-yl]carbamoylamino]pentanedioic acid'
13 water water
#
_entity_poly.entity_id   1
_entity_poly.type   'polypeptide(L)'
_entity_poly.pdbx_seq_one_letter_code
;KSSNEATNITPKHNMKAFLDELKAENIKKFLYNFTQIPHLAGTEQNFQLAKQIQSQWKEFGLDSVELAHYDVLLSYPNKT
HPNYISIINEDGNEIFNTSLFEPPPPGYENVSDIVPPFSAFSPQGMPEGDLVYVNYARTEDFFKLERDMKINCSGKIVIA
RYGKVFRGNKVKNAQLAGAKGVILYSDPADYFAPGVKSYPDGWNLPGGGVQRGNILNLNGAGDPLTPGYPANEYAYRRGI
AEAVGLPSIPVHPIGYYDAQKLLEKMGGSAPPDSSWRGSLKVPYNVGPGFTGNFSTQKVKMHIHSTNEVTRIYNVIGTLR
GAVEPDRYVILGGHRDSWVFGGIDPQSGAAVVHEIVRSFGTLKKEGWRPRRTILFASWDAEEFGLLGSTEWAEENSRLLQ
ERGVAYINADSSIEGNYTLRVDCTPLMYSLVHNLTKELKSPDEGFEGKSLYESWTKKSPSPEFSGMPRISKLGSGNDFEV
FFQRLGIASGRARYTKNWETNKFSGYPLYHSVYETYELVEKFYDPMFKYHLTVAQVRGGMVFELANSIVLPFDCRDYAVV
LRKYADKIYSISMKHPQEMKTYSVSFDSLFSAVKNFTEIASKFSERLQDFDKSNPIVLRMMNDQLMFLERAFIDPLGLPD
RPFYRHVIYAPSSHNKYAGESFPGIYDALFDIESKVDPSKAWGEVKRQIYVAAFTVQAAAETLSEVA
;
_entity_poly.pdbx_strand_id   A
#
# COMPACT_ATOMS: atom_id res chain seq x y z
N LYS A 12 3.04 -31.74 -20.62
CA LYS A 12 3.89 -31.60 -19.38
C LYS A 12 3.24 -30.57 -18.43
N HIS A 13 3.61 -30.68 -17.15
CA HIS A 13 3.12 -29.78 -16.12
C HIS A 13 4.21 -28.79 -15.71
N ASN A 14 4.27 -27.70 -16.47
CA ASN A 14 5.29 -26.71 -16.33
C ASN A 14 4.61 -25.33 -16.24
N MET A 15 5.42 -24.29 -16.25
CA MET A 15 4.82 -22.95 -16.09
C MET A 15 3.91 -22.66 -17.29
N LYS A 16 4.30 -23.11 -18.47
CA LYS A 16 3.50 -22.81 -19.66
C LYS A 16 2.10 -23.44 -19.52
N ALA A 17 1.99 -24.64 -18.97
CA ALA A 17 0.66 -25.25 -18.83
C ALA A 17 -0.19 -24.41 -17.86
N PHE A 18 0.46 -23.90 -16.82
CA PHE A 18 -0.20 -23.07 -15.84
C PHE A 18 -0.71 -21.78 -16.50
N LEU A 19 0.18 -21.07 -17.21
CA LEU A 19 -0.14 -19.79 -17.79
C LEU A 19 -1.23 -19.95 -18.88
N ASP A 20 -1.12 -20.99 -19.71
CA ASP A 20 -2.10 -21.14 -20.83
C ASP A 20 -3.48 -21.45 -20.29
N GLU A 21 -3.60 -22.02 -19.10
CA GLU A 21 -4.93 -22.36 -18.56
C GLU A 21 -5.69 -21.09 -18.11
N LEU A 22 -4.95 -20.03 -17.76
CA LEU A 22 -5.57 -18.74 -17.42
C LEU A 22 -6.37 -18.16 -18.62
N LYS A 23 -7.60 -17.69 -18.36
CA LYS A 23 -8.51 -17.17 -19.38
C LYS A 23 -9.08 -15.79 -19.00
N ALA A 24 -9.00 -14.87 -19.93
CA ALA A 24 -9.50 -13.51 -19.80
C ALA A 24 -10.98 -13.55 -19.47
N GLU A 25 -11.66 -14.47 -20.12
CA GLU A 25 -13.11 -14.56 -20.04
C GLU A 25 -13.52 -15.08 -18.65
N ASN A 26 -12.70 -15.93 -18.03
CA ASN A 26 -12.99 -16.34 -16.64
C ASN A 26 -12.82 -15.17 -15.67
N ILE A 27 -11.80 -14.36 -15.88
CA ILE A 27 -11.56 -13.21 -15.01
C ILE A 27 -12.78 -12.27 -15.09
N LYS A 28 -13.29 -12.06 -16.32
CA LYS A 28 -14.43 -11.19 -16.56
C LYS A 28 -15.64 -11.64 -15.76
N LYS A 29 -15.98 -12.93 -15.91
CA LYS A 29 -17.10 -13.55 -15.20
C LYS A 29 -16.95 -13.40 -13.68
N PHE A 30 -15.74 -13.58 -13.17
CA PHE A 30 -15.52 -13.51 -11.71
C PHE A 30 -15.66 -12.06 -11.28
N LEU A 31 -15.17 -11.15 -12.07
CA LEU A 31 -15.30 -9.74 -11.69
C LEU A 31 -16.77 -9.35 -11.60
N TYR A 32 -17.54 -9.72 -12.62
CA TYR A 32 -18.96 -9.45 -12.64
C TYR A 32 -19.61 -10.03 -11.38
N ASN A 33 -19.30 -11.29 -11.08
CA ASN A 33 -19.84 -11.97 -9.91
C ASN A 33 -19.52 -11.23 -8.58
N PHE A 34 -18.35 -10.56 -8.50
CA PHE A 34 -17.81 -10.05 -7.23
C PHE A 34 -18.24 -8.60 -6.99
N THR A 35 -18.95 -8.00 -7.93
CA THR A 35 -19.17 -6.59 -7.85
C THR A 35 -20.63 -6.17 -8.07
N GLN A 36 -21.57 -7.06 -7.86
CA GLN A 36 -22.98 -6.70 -8.08
C GLN A 36 -23.57 -6.05 -6.83
N ILE A 37 -23.06 -6.42 -5.65
CA ILE A 37 -23.47 -5.77 -4.39
C ILE A 37 -22.24 -5.29 -3.62
N PRO A 38 -22.44 -4.37 -2.68
CA PRO A 38 -21.32 -3.90 -1.83
C PRO A 38 -20.82 -5.00 -0.90
N HIS A 39 -19.49 -5.08 -0.66
CA HIS A 39 -18.95 -6.00 0.29
C HIS A 39 -18.09 -5.32 1.37
N LEU A 40 -18.73 -4.43 2.13
CA LEU A 40 -18.07 -3.68 3.19
C LEU A 40 -17.61 -4.64 4.30
N ALA A 41 -16.36 -4.47 4.76
CA ALA A 41 -15.89 -5.25 5.91
C ALA A 41 -16.90 -5.24 7.05
N GLY A 42 -17.13 -6.45 7.56
CA GLY A 42 -17.96 -6.61 8.74
C GLY A 42 -19.43 -6.71 8.44
N THR A 43 -19.87 -6.66 7.19
CA THR A 43 -21.27 -6.80 6.84
C THR A 43 -21.55 -8.24 6.41
N GLU A 44 -22.82 -8.61 6.43
CA GLU A 44 -23.26 -9.97 6.13
C GLU A 44 -22.93 -10.35 4.70
N GLN A 45 -23.02 -9.39 3.80
CA GLN A 45 -22.75 -9.65 2.42
C GLN A 45 -21.28 -10.03 2.21
N ASN A 46 -20.37 -9.48 3.01
N ASN A 46 -20.41 -9.48 3.05
CA ASN A 46 -18.95 -9.83 2.81
CA ASN A 46 -18.98 -9.70 2.93
C ASN A 46 -18.68 -11.22 3.41
C ASN A 46 -18.58 -11.06 3.53
N PHE A 47 -19.36 -11.52 4.50
CA PHE A 47 -19.33 -12.89 5.00
C PHE A 47 -19.87 -13.86 3.96
N GLN A 48 -20.99 -13.56 3.28
N GLN A 48 -21.01 -13.53 3.32
CA GLN A 48 -21.50 -14.54 2.30
CA GLN A 48 -21.59 -14.39 2.26
C GLN A 48 -20.52 -14.69 1.14
C GLN A 48 -20.53 -14.67 1.17
N LEU A 49 -19.85 -13.61 0.72
CA LEU A 49 -18.87 -13.73 -0.35
C LEU A 49 -17.66 -14.58 0.11
N ALA A 50 -17.22 -14.39 1.35
CA ALA A 50 -16.17 -15.28 1.91
C ALA A 50 -16.56 -16.75 1.82
N LYS A 51 -17.79 -17.08 2.20
N LYS A 51 -17.78 -17.07 2.21
CA LYS A 51 -18.24 -18.48 2.16
CA LYS A 51 -18.27 -18.46 2.13
C LYS A 51 -18.29 -18.99 0.70
C LYS A 51 -18.26 -18.98 0.70
N GLN A 52 -18.70 -18.15 -0.24
CA GLN A 52 -18.67 -18.51 -1.68
C GLN A 52 -17.23 -18.73 -2.14
N ILE A 53 -16.31 -17.85 -1.79
CA ILE A 53 -14.91 -18.04 -2.16
C ILE A 53 -14.41 -19.36 -1.55
N GLN A 54 -14.69 -19.60 -0.30
CA GLN A 54 -14.20 -20.84 0.33
C GLN A 54 -14.68 -22.08 -0.45
N SER A 55 -15.98 -22.13 -0.75
N SER A 55 -15.98 -22.10 -0.74
CA SER A 55 -16.59 -23.26 -1.46
CA SER A 55 -16.62 -23.22 -1.45
C SER A 55 -15.93 -23.44 -2.83
C SER A 55 -15.99 -23.43 -2.82
N GLN A 56 -15.76 -22.34 -3.55
CA GLN A 56 -15.22 -22.42 -4.91
C GLN A 56 -13.74 -22.81 -4.90
N TRP A 57 -12.94 -22.24 -4.00
CA TRP A 57 -11.57 -22.69 -3.93
C TRP A 57 -11.47 -24.21 -3.63
N LYS A 58 -12.35 -24.73 -2.79
CA LYS A 58 -12.42 -26.19 -2.54
C LYS A 58 -12.76 -26.95 -3.82
N GLU A 59 -13.77 -26.52 -4.56
N GLU A 59 -13.83 -26.51 -4.51
CA GLU A 59 -14.17 -27.20 -5.79
CA GLU A 59 -14.25 -27.05 -5.81
C GLU A 59 -13.08 -26.99 -6.85
C GLU A 59 -13.05 -27.02 -6.76
N PHE A 60 -12.32 -25.89 -6.77
CA PHE A 60 -11.19 -25.69 -7.70
C PHE A 60 -10.05 -26.69 -7.42
N GLY A 61 -10.01 -27.35 -6.27
CA GLY A 61 -9.08 -28.46 -5.97
C GLY A 61 -8.11 -28.20 -4.81
N LEU A 62 -8.17 -27.07 -4.09
CA LEU A 62 -7.14 -26.84 -3.05
C LEU A 62 -7.26 -27.92 -1.97
N ASP A 63 -6.18 -28.25 -1.28
CA ASP A 63 -6.25 -29.27 -0.25
C ASP A 63 -7.09 -28.91 0.95
N SER A 64 -7.09 -27.64 1.32
CA SER A 64 -7.89 -27.22 2.44
C SER A 64 -8.17 -25.71 2.28
N VAL A 65 -9.37 -25.31 2.66
CA VAL A 65 -9.75 -23.95 2.65
C VAL A 65 -10.55 -23.66 3.92
N GLU A 66 -10.04 -22.74 4.74
CA GLU A 66 -10.68 -22.39 6.02
C GLU A 66 -10.94 -20.88 6.09
N LEU A 67 -11.94 -20.46 6.87
CA LEU A 67 -12.09 -19.11 7.32
C LEU A 67 -11.30 -18.94 8.64
N ALA A 68 -10.52 -17.87 8.71
CA ALA A 68 -9.89 -17.37 9.94
C ALA A 68 -10.53 -16.01 10.21
N HIS A 69 -11.21 -15.96 11.32
CA HIS A 69 -12.02 -14.82 11.75
C HIS A 69 -11.34 -14.17 12.95
N TYR A 70 -11.53 -12.86 13.07
CA TYR A 70 -11.00 -12.04 14.16
C TYR A 70 -12.04 -11.00 14.52
N ASP A 71 -11.98 -10.48 15.72
CA ASP A 71 -12.89 -9.39 16.13
C ASP A 71 -12.12 -8.10 16.36
N VAL A 72 -12.31 -7.12 15.48
CA VAL A 72 -11.45 -5.96 15.32
C VAL A 72 -12.28 -4.68 15.35
N LEU A 73 -11.61 -3.58 15.70
CA LEU A 73 -12.29 -2.29 15.66
C LEU A 73 -12.51 -1.83 14.20
N LEU A 74 -13.80 -1.68 13.85
CA LEU A 74 -14.21 -1.04 12.59
C LEU A 74 -14.97 0.25 12.92
N SER A 75 -15.41 0.95 11.88
CA SER A 75 -16.00 2.27 12.01
C SER A 75 -17.11 2.40 10.97
N TYR A 76 -18.27 2.94 11.38
CA TYR A 76 -19.39 3.10 10.49
C TYR A 76 -20.19 4.34 10.83
N PRO A 77 -20.74 4.95 9.80
CA PRO A 77 -21.61 6.07 10.06
C PRO A 77 -22.92 5.63 10.75
N ASN A 78 -23.55 6.56 11.41
CA ASN A 78 -24.85 6.33 12.03
C ASN A 78 -25.94 6.48 10.95
N LYS A 79 -26.60 5.39 10.64
CA LYS A 79 -27.73 5.34 9.66
C LYS A 79 -28.83 6.37 9.96
N THR A 80 -29.09 6.68 11.20
CA THR A 80 -30.18 7.59 11.50
C THR A 80 -29.68 8.97 11.94
N HIS A 81 -28.41 9.29 11.76
CA HIS A 81 -27.88 10.57 12.21
C HIS A 81 -26.71 10.92 11.30
N PRO A 82 -27.00 11.32 10.07
CA PRO A 82 -26.01 11.42 9.02
C PRO A 82 -24.94 12.49 9.25
N ASN A 83 -23.78 12.21 8.71
CA ASN A 83 -22.64 13.12 8.78
C ASN A 83 -22.83 14.15 7.69
N TYR A 84 -22.56 15.40 8.01
CA TYR A 84 -22.53 16.44 7.01
C TYR A 84 -21.78 17.65 7.56
N ILE A 85 -21.49 18.58 6.63
CA ILE A 85 -20.84 19.84 6.94
C ILE A 85 -21.76 21.00 6.51
N SER A 86 -21.76 22.07 7.28
N SER A 86 -21.73 22.10 7.25
CA SER A 86 -22.57 23.29 6.97
CA SER A 86 -22.56 23.26 6.93
C SER A 86 -21.70 24.54 6.99
C SER A 86 -21.73 24.54 7.01
N ILE A 87 -22.14 25.54 6.22
CA ILE A 87 -21.86 26.96 6.53
C ILE A 87 -23.04 27.42 7.41
N ILE A 88 -22.71 28.01 8.55
CA ILE A 88 -23.73 28.55 9.47
C ILE A 88 -23.53 30.08 9.55
N ASN A 89 -24.63 30.83 9.61
CA ASN A 89 -24.54 32.31 9.83
C ASN A 89 -24.49 32.64 11.33
N GLU A 90 -24.24 33.93 11.56
CA GLU A 90 -24.28 34.64 12.87
C GLU A 90 -25.35 34.09 13.83
N ASP A 91 -26.55 33.83 13.31
CA ASP A 91 -27.71 33.40 14.10
C ASP A 91 -27.66 31.90 14.43
N GLY A 92 -26.89 31.13 13.66
CA GLY A 92 -26.83 29.71 13.83
C GLY A 92 -27.66 28.97 12.78
N ASN A 93 -28.07 29.64 11.70
CA ASN A 93 -28.79 28.93 10.63
C ASN A 93 -27.79 28.26 9.68
N GLU A 94 -28.12 27.04 9.28
CA GLU A 94 -27.31 26.25 8.36
C GLU A 94 -27.74 26.64 6.95
N ILE A 95 -26.96 27.50 6.31
CA ILE A 95 -27.39 28.08 5.03
C ILE A 95 -26.88 27.26 3.85
N PHE A 96 -26.02 26.29 4.11
CA PHE A 96 -25.51 25.39 3.08
C PHE A 96 -25.12 24.09 3.77
N ASN A 97 -25.49 22.97 3.17
CA ASN A 97 -25.25 21.66 3.70
C ASN A 97 -24.63 20.80 2.60
N THR A 98 -23.55 20.08 2.95
CA THR A 98 -22.96 19.11 2.00
C THR A 98 -23.91 17.91 1.85
N SER A 99 -23.66 17.11 0.81
N SER A 99 -23.68 17.13 0.81
CA SER A 99 -24.48 15.98 0.41
CA SER A 99 -24.54 16.05 0.37
C SER A 99 -24.49 14.89 1.47
C SER A 99 -24.46 14.86 1.33
N LEU A 100 -25.58 14.14 1.49
CA LEU A 100 -25.68 13.04 2.43
C LEU A 100 -25.32 11.72 1.74
N PHE A 101 -25.07 11.71 0.43
CA PHE A 101 -24.83 10.47 -0.30
C PHE A 101 -24.37 10.85 -1.72
N GLU A 102 -23.61 9.96 -2.36
CA GLU A 102 -23.25 10.14 -3.76
C GLU A 102 -24.43 9.67 -4.62
N PRO A 103 -24.83 10.44 -5.64
CA PRO A 103 -25.82 10.05 -6.67
C PRO A 103 -25.44 8.67 -7.23
N PRO A 104 -26.23 7.62 -6.97
CA PRO A 104 -25.81 6.27 -7.36
C PRO A 104 -25.75 6.11 -8.88
N PRO A 105 -24.83 5.26 -9.38
CA PRO A 105 -24.72 5.11 -10.81
C PRO A 105 -25.97 4.45 -11.46
N PRO A 106 -26.09 4.59 -12.78
CA PRO A 106 -27.19 4.02 -13.56
C PRO A 106 -27.42 2.53 -13.32
N GLY A 107 -28.63 2.19 -12.87
CA GLY A 107 -28.99 0.80 -12.69
C GLY A 107 -28.75 0.31 -11.26
N TYR A 108 -28.09 1.13 -10.45
CA TYR A 108 -27.69 0.76 -9.05
C TYR A 108 -28.42 1.66 -8.07
N GLU A 109 -29.41 2.39 -8.58
CA GLU A 109 -30.09 3.41 -7.77
C GLU A 109 -31.01 2.68 -6.76
N ASN A 110 -31.25 1.37 -6.89
CA ASN A 110 -32.07 0.63 -5.88
C ASN A 110 -31.20 -0.32 -5.03
N VAL A 111 -29.88 -0.21 -5.10
CA VAL A 111 -29.04 -1.06 -4.27
C VAL A 111 -29.08 -0.49 -2.84
N SER A 112 -29.38 -1.34 -1.88
CA SER A 112 -29.25 -0.89 -0.49
C SER A 112 -27.85 -1.19 0.04
N ASP A 113 -27.63 -0.62 1.21
CA ASP A 113 -26.48 -0.88 1.93
C ASP A 113 -25.28 -0.22 1.25
N ILE A 114 -25.47 0.86 0.46
CA ILE A 114 -24.33 1.61 0.01
C ILE A 114 -23.90 2.52 1.13
N VAL A 115 -22.71 2.31 1.66
CA VAL A 115 -22.28 3.16 2.78
C VAL A 115 -22.05 4.59 2.26
N PRO A 116 -22.65 5.61 2.89
CA PRO A 116 -22.39 6.98 2.47
C PRO A 116 -20.93 7.37 2.71
N PRO A 117 -20.49 8.43 2.03
CA PRO A 117 -19.11 8.85 2.20
C PRO A 117 -18.82 9.25 3.64
N PHE A 118 -17.71 8.73 4.17
CA PHE A 118 -17.23 9.06 5.48
C PHE A 118 -15.74 8.72 5.60
N SER A 119 -15.14 9.30 6.65
CA SER A 119 -13.76 9.04 7.05
C SER A 119 -13.75 8.02 8.18
N ALA A 120 -13.39 6.79 7.84
CA ALA A 120 -13.42 5.73 8.82
C ALA A 120 -12.42 6.06 9.95
N PHE A 121 -13.00 5.95 11.15
CA PHE A 121 -12.37 6.12 12.47
C PHE A 121 -12.33 7.58 12.93
N SER A 122 -12.96 8.48 12.23
CA SER A 122 -13.22 9.84 12.79
C SER A 122 -13.84 9.76 14.18
N PRO A 123 -13.36 10.55 15.12
CA PRO A 123 -14.20 10.72 16.32
C PRO A 123 -15.47 11.55 16.03
N GLN A 124 -16.42 11.48 16.96
CA GLN A 124 -17.66 12.25 16.87
C GLN A 124 -17.36 13.68 17.29
N GLY A 125 -18.08 14.64 16.73
CA GLY A 125 -17.93 16.00 17.15
C GLY A 125 -18.81 16.89 16.31
N MET A 126 -18.97 18.13 16.78
N MET A 126 -19.07 18.10 16.78
CA MET A 126 -19.74 19.16 16.10
CA MET A 126 -19.69 19.09 15.93
C MET A 126 -18.93 20.46 16.06
C MET A 126 -18.93 20.41 16.09
N PRO A 127 -17.61 20.39 15.80
CA PRO A 127 -16.83 21.63 15.85
C PRO A 127 -17.29 22.74 14.87
N GLU A 128 -17.14 23.98 15.33
N GLU A 128 -17.32 24.00 15.30
CA GLU A 128 -17.56 25.19 14.61
CA GLU A 128 -17.61 25.16 14.41
C GLU A 128 -16.34 26.12 14.50
C GLU A 128 -16.43 26.13 14.47
N GLY A 129 -16.07 26.71 13.35
CA GLY A 129 -14.88 27.56 13.28
C GLY A 129 -14.61 28.10 11.90
N ASP A 130 -13.47 28.74 11.77
CA ASP A 130 -13.01 29.32 10.51
C ASP A 130 -12.14 28.36 9.72
N LEU A 131 -12.24 28.43 8.41
N LEU A 131 -12.25 28.43 8.40
CA LEU A 131 -11.55 27.54 7.50
CA LEU A 131 -11.51 27.55 7.50
C LEU A 131 -10.13 28.05 7.23
C LEU A 131 -10.09 28.08 7.31
N VAL A 132 -9.16 27.14 7.20
CA VAL A 132 -7.85 27.41 6.59
C VAL A 132 -7.62 26.33 5.51
N TYR A 133 -7.16 26.75 4.34
CA TYR A 133 -6.87 25.88 3.23
C TYR A 133 -5.36 25.57 3.21
N VAL A 134 -5.05 24.26 3.20
CA VAL A 134 -3.68 23.77 3.49
C VAL A 134 -3.14 22.95 2.32
N ASN A 135 -3.71 23.16 1.15
CA ASN A 135 -3.26 22.48 -0.02
C ASN A 135 -3.42 20.95 0.20
N TYR A 136 -2.35 20.19 0.06
CA TYR A 136 -2.49 18.70 0.15
C TYR A 136 -2.30 18.25 1.61
N ALA A 137 -2.13 19.23 2.53
CA ALA A 137 -1.86 18.99 3.91
C ALA A 137 -0.59 18.13 4.09
N ARG A 138 0.39 18.27 3.19
CA ARG A 138 1.68 17.62 3.35
C ARG A 138 2.50 18.33 4.43
N THR A 139 3.54 17.64 4.90
CA THR A 139 4.49 18.25 5.83
C THR A 139 5.02 19.59 5.29
N GLU A 140 5.42 19.64 4.04
N GLU A 140 5.42 19.64 4.02
CA GLU A 140 5.98 20.89 3.45
CA GLU A 140 5.98 20.87 3.42
C GLU A 140 4.89 21.96 3.34
C GLU A 140 4.89 21.95 3.29
N ASP A 141 3.62 21.54 3.20
CA ASP A 141 2.51 22.51 3.10
C ASP A 141 2.32 23.24 4.44
N PHE A 142 2.38 22.48 5.54
CA PHE A 142 2.28 23.04 6.86
C PHE A 142 3.54 23.88 7.17
N PHE A 143 4.72 23.44 6.73
CA PHE A 143 5.91 24.28 6.88
C PHE A 143 5.69 25.63 6.22
N LYS A 144 5.18 25.63 5.00
CA LYS A 144 4.98 26.89 4.28
C LYS A 144 3.99 27.80 5.02
N LEU A 145 2.88 27.22 5.50
N LEU A 145 2.93 27.19 5.57
CA LEU A 145 1.88 27.97 6.21
CA LEU A 145 1.86 27.92 6.18
C LEU A 145 2.48 28.59 7.46
C LEU A 145 2.26 28.49 7.54
N GLU A 146 3.08 27.76 8.31
CA GLU A 146 3.46 28.18 9.64
C GLU A 146 4.73 29.02 9.63
N ARG A 147 5.76 28.58 8.92
CA ARG A 147 7.08 29.19 9.01
C ARG A 147 7.19 30.37 8.06
N ASP A 148 6.72 30.21 6.83
CA ASP A 148 6.81 31.27 5.83
C ASP A 148 5.63 32.28 5.85
N MET A 149 4.40 31.79 5.83
N MET A 149 4.41 31.75 5.81
CA MET A 149 3.26 32.70 5.72
CA MET A 149 3.18 32.56 5.71
C MET A 149 2.78 33.14 7.11
C MET A 149 2.82 33.15 7.09
N LYS A 150 3.30 32.54 8.17
CA LYS A 150 2.92 32.91 9.56
C LYS A 150 1.42 32.73 9.81
N ILE A 151 0.85 31.62 9.34
CA ILE A 151 -0.57 31.39 9.59
C ILE A 151 -0.70 30.29 10.66
N ASN A 152 -1.53 30.54 11.67
CA ASN A 152 -1.69 29.65 12.80
C ASN A 152 -2.98 28.83 12.57
N CYS A 153 -2.86 27.49 12.52
CA CYS A 153 -4.04 26.63 12.33
C CYS A 153 -4.72 26.26 13.65
N SER A 154 -4.17 26.68 14.78
CA SER A 154 -4.69 26.27 16.06
C SER A 154 -6.16 26.71 16.24
N GLY A 155 -7.03 25.75 16.57
CA GLY A 155 -8.48 26.04 16.69
C GLY A 155 -9.18 26.29 15.36
N LYS A 156 -8.53 26.14 14.20
CA LYS A 156 -9.19 26.29 12.90
C LYS A 156 -9.64 24.93 12.37
N ILE A 157 -10.65 24.96 11.48
CA ILE A 157 -10.96 23.81 10.65
C ILE A 157 -10.11 23.88 9.38
N VAL A 158 -9.38 22.81 9.05
N VAL A 158 -9.40 22.78 9.09
CA VAL A 158 -8.57 22.88 7.85
CA VAL A 158 -8.55 22.63 7.92
C VAL A 158 -9.26 22.08 6.74
C VAL A 158 -9.41 22.15 6.75
N ILE A 159 -9.16 22.61 5.53
CA ILE A 159 -9.69 21.98 4.33
C ILE A 159 -8.48 21.69 3.44
N ALA A 160 -8.37 20.43 3.01
CA ALA A 160 -7.27 20.02 2.22
C ALA A 160 -7.76 19.21 1.04
N ARG A 161 -7.03 19.29 -0.05
CA ARG A 161 -7.34 18.45 -1.16
C ARG A 161 -6.62 17.09 -1.01
N TYR A 162 -7.37 16.04 -1.32
CA TYR A 162 -6.85 14.70 -1.48
C TYR A 162 -5.75 14.73 -2.55
N GLY A 163 -4.82 13.78 -2.48
CA GLY A 163 -3.74 13.62 -3.48
C GLY A 163 -2.38 13.67 -2.84
N LYS A 164 -1.38 13.10 -3.49
CA LYS A 164 0.07 13.20 -3.19
C LYS A 164 0.47 12.28 -2.05
N VAL A 165 -0.29 12.28 -0.95
CA VAL A 165 0.06 11.48 0.22
C VAL A 165 -1.19 10.83 0.83
N PHE A 166 -0.92 9.77 1.64
CA PHE A 166 -1.97 9.07 2.37
C PHE A 166 -2.74 10.09 3.23
N ARG A 167 -4.07 9.98 3.21
CA ARG A 167 -4.94 10.88 3.89
C ARG A 167 -4.72 10.85 5.42
N GLY A 168 -4.28 9.71 5.97
CA GLY A 168 -3.95 9.57 7.33
C GLY A 168 -2.80 10.49 7.75
N ASN A 169 -1.84 10.68 6.87
CA ASN A 169 -0.74 11.57 7.15
C ASN A 169 -1.23 13.02 7.14
N LYS A 170 -2.15 13.35 6.21
CA LYS A 170 -2.77 14.66 6.20
C LYS A 170 -3.43 14.94 7.57
N VAL A 171 -4.22 13.99 8.08
CA VAL A 171 -4.92 14.21 9.33
C VAL A 171 -3.94 14.37 10.51
N LYS A 172 -2.89 13.54 10.57
N LYS A 172 -2.90 13.54 10.56
CA LYS A 172 -1.87 13.65 11.62
CA LYS A 172 -1.82 13.62 11.57
C LYS A 172 -1.23 15.05 11.56
C LYS A 172 -1.20 15.03 11.56
N ASN A 173 -0.83 15.49 10.37
CA ASN A 173 -0.23 16.84 10.18
C ASN A 173 -1.19 17.93 10.67
N ALA A 174 -2.46 17.85 10.28
CA ALA A 174 -3.46 18.83 10.74
C ALA A 174 -3.58 18.83 12.27
N GLN A 175 -3.66 17.64 12.85
CA GLN A 175 -3.73 17.49 14.27
C GLN A 175 -2.54 18.18 14.94
N LEU A 176 -1.32 17.84 14.53
CA LEU A 176 -0.15 18.39 15.19
C LEU A 176 -0.07 19.92 15.00
N ALA A 177 -0.69 20.45 13.96
CA ALA A 177 -0.77 21.91 13.79
C ALA A 177 -1.88 22.55 14.66
N GLY A 178 -2.65 21.77 15.42
CA GLY A 178 -3.74 22.24 16.30
C GLY A 178 -5.10 22.50 15.64
N ALA A 179 -5.36 21.92 14.47
CA ALA A 179 -6.67 22.02 13.83
C ALA A 179 -7.70 21.38 14.74
N LYS A 180 -8.94 21.86 14.64
CA LYS A 180 -9.96 21.22 15.39
C LYS A 180 -10.87 20.36 14.50
N GLY A 181 -10.65 20.36 13.19
CA GLY A 181 -11.27 19.38 12.34
C GLY A 181 -10.67 19.46 10.95
N VAL A 182 -10.97 18.47 10.12
CA VAL A 182 -10.39 18.36 8.79
C VAL A 182 -11.49 18.00 7.79
N ILE A 183 -11.54 18.76 6.71
CA ILE A 183 -12.39 18.48 5.60
C ILE A 183 -11.48 18.09 4.42
N LEU A 184 -11.71 16.90 3.88
CA LEU A 184 -10.96 16.39 2.73
C LEU A 184 -11.83 16.56 1.47
N TYR A 185 -11.26 16.95 0.34
CA TYR A 185 -12.08 17.01 -0.89
C TYR A 185 -11.24 16.62 -2.09
N SER A 186 -11.91 16.25 -3.16
CA SER A 186 -11.31 15.81 -4.41
C SER A 186 -11.29 16.97 -5.40
N ASP A 187 -10.12 17.50 -5.74
CA ASP A 187 -10.05 18.63 -6.67
C ASP A 187 -9.98 18.07 -8.08
N PRO A 188 -10.74 18.70 -9.04
CA PRO A 188 -10.63 18.21 -10.39
C PRO A 188 -9.19 18.28 -10.91
N ALA A 189 -8.36 19.14 -10.34
CA ALA A 189 -6.98 19.16 -10.78
C ALA A 189 -6.35 17.78 -10.59
N ASP A 190 -6.77 17.06 -9.54
CA ASP A 190 -6.13 15.80 -9.17
C ASP A 190 -7.01 14.57 -9.56
N TYR A 191 -8.30 14.77 -9.86
CA TYR A 191 -9.20 13.63 -10.06
C TYR A 191 -10.08 13.84 -11.32
N PHE A 192 -9.72 14.77 -12.22
CA PHE A 192 -10.49 14.98 -13.47
C PHE A 192 -9.49 15.19 -14.63
N ALA A 193 -9.30 14.15 -15.42
CA ALA A 193 -8.35 14.17 -16.54
C ALA A 193 -8.97 14.97 -17.69
N PRO A 194 -8.24 15.97 -18.21
CA PRO A 194 -8.81 16.77 -19.29
C PRO A 194 -9.16 15.90 -20.53
N GLY A 195 -10.29 16.24 -21.16
CA GLY A 195 -10.78 15.57 -22.35
C GLY A 195 -11.53 14.28 -22.07
N VAL A 196 -11.66 13.87 -20.81
CA VAL A 196 -12.37 12.65 -20.50
C VAL A 196 -13.67 13.06 -19.81
N LYS A 197 -14.72 12.31 -20.03
CA LYS A 197 -16.02 12.64 -19.41
C LYS A 197 -16.11 12.00 -18.01
N SER A 198 -17.03 12.55 -17.22
CA SER A 198 -17.53 12.05 -15.95
C SER A 198 -18.22 10.69 -16.09
N TYR A 199 -18.08 9.81 -15.08
CA TYR A 199 -18.88 8.58 -15.00
C TYR A 199 -20.37 8.97 -15.08
N PRO A 200 -21.22 8.28 -15.84
CA PRO A 200 -21.01 6.98 -16.55
C PRO A 200 -20.53 7.07 -18.02
N ASP A 201 -20.18 8.25 -18.47
CA ASP A 201 -19.84 8.42 -19.87
C ASP A 201 -18.32 8.41 -20.10
N GLY A 202 -17.58 8.40 -18.99
CA GLY A 202 -16.14 8.38 -19.01
C GLY A 202 -15.63 7.94 -17.64
N TRP A 203 -14.33 7.98 -17.45
CA TRP A 203 -13.75 7.41 -16.24
C TRP A 203 -13.36 8.48 -15.22
N ASN A 204 -13.86 9.72 -15.42
N ASN A 204 -13.87 9.71 -15.39
CA ASN A 204 -13.53 10.83 -14.51
CA ASN A 204 -13.54 10.81 -14.49
C ASN A 204 -14.51 10.88 -13.33
C ASN A 204 -14.52 10.87 -13.31
N LEU A 205 -14.09 11.58 -12.26
CA LEU A 205 -14.91 11.74 -11.03
C LEU A 205 -15.89 12.87 -11.23
N PRO A 206 -17.18 12.61 -11.01
CA PRO A 206 -18.06 13.74 -11.14
C PRO A 206 -18.06 14.57 -9.85
N GLY A 207 -18.76 15.70 -9.90
CA GLY A 207 -18.73 16.70 -8.82
C GLY A 207 -19.38 16.22 -7.53
N GLY A 208 -20.25 15.23 -7.63
CA GLY A 208 -20.91 14.66 -6.47
C GLY A 208 -20.19 13.42 -5.94
N GLY A 209 -19.21 12.92 -6.68
CA GLY A 209 -18.36 11.74 -6.28
C GLY A 209 -17.48 12.07 -5.08
N VAL A 210 -17.25 11.09 -4.21
CA VAL A 210 -16.49 11.30 -2.98
C VAL A 210 -15.65 10.04 -2.70
N GLN A 211 -14.39 10.26 -2.34
CA GLN A 211 -13.41 9.25 -1.94
C GLN A 211 -13.57 8.91 -0.47
N ARG A 212 -14.00 7.69 -0.24
CA ARG A 212 -13.96 7.10 1.11
C ARG A 212 -12.53 6.69 1.47
N GLY A 213 -12.28 6.45 2.76
CA GLY A 213 -11.04 5.85 3.24
C GLY A 213 -10.77 6.14 4.71
N ASN A 214 -10.05 5.24 5.33
CA ASN A 214 -9.64 5.37 6.70
C ASN A 214 -8.54 6.43 6.81
N ILE A 215 -8.53 7.02 8.02
CA ILE A 215 -7.61 8.12 8.36
C ILE A 215 -6.77 7.72 9.59
N LEU A 216 -6.52 6.42 9.75
CA LEU A 216 -5.67 5.96 10.88
C LEU A 216 -4.17 6.26 10.64
N ASN A 217 -3.39 6.23 11.72
CA ASN A 217 -1.92 6.22 11.64
C ASN A 217 -1.45 5.02 12.44
N LEU A 218 -1.58 3.84 11.87
CA LEU A 218 -1.40 2.62 12.65
C LEU A 218 0.09 2.23 12.73
N ASN A 219 0.88 2.62 11.73
CA ASN A 219 2.30 2.28 11.65
C ASN A 219 2.56 0.77 11.80
N GLY A 220 1.72 0.02 11.16
CA GLY A 220 1.83 -1.45 11.06
C GLY A 220 1.15 -2.24 12.17
N ALA A 221 0.40 -1.62 13.08
CA ALA A 221 -0.03 -2.24 14.30
C ALA A 221 -1.18 -3.22 14.05
N GLY A 222 -1.91 -3.05 12.96
CA GLY A 222 -3.12 -3.84 12.83
C GLY A 222 -4.30 -3.28 13.61
N ASP A 223 -5.13 -4.19 14.13
CA ASP A 223 -6.31 -3.83 14.92
C ASP A 223 -5.87 -2.84 16.00
N PRO A 224 -6.52 -1.71 16.06
CA PRO A 224 -6.12 -0.69 17.04
C PRO A 224 -6.11 -1.16 18.49
N LEU A 225 -6.90 -2.17 18.83
CA LEU A 225 -7.07 -2.55 20.23
C LEU A 225 -6.14 -3.69 20.66
N THR A 226 -5.45 -4.37 19.74
CA THR A 226 -4.66 -5.58 20.10
C THR A 226 -3.27 -5.60 19.43
N PRO A 227 -2.51 -4.52 19.55
CA PRO A 227 -1.20 -4.51 18.88
C PRO A 227 -0.25 -5.60 19.39
N GLY A 228 0.24 -6.44 18.44
CA GLY A 228 1.21 -7.50 18.73
C GLY A 228 0.59 -8.87 18.76
N TYR A 229 -0.73 -8.96 18.93
CA TYR A 229 -1.35 -10.24 19.24
C TYR A 229 -2.63 -10.38 18.41
N PRO A 230 -3.00 -11.63 18.03
CA PRO A 230 -4.24 -11.71 17.26
C PRO A 230 -5.52 -11.42 18.06
N ALA A 231 -6.46 -10.73 17.42
CA ALA A 231 -7.78 -10.37 18.00
C ALA A 231 -8.74 -11.60 17.99
N ASN A 232 -8.32 -12.61 18.69
CA ASN A 232 -8.99 -13.88 18.77
C ASN A 232 -10.08 -13.77 19.84
N GLU A 233 -10.67 -14.91 20.18
CA GLU A 233 -11.85 -14.91 21.04
C GLU A 233 -11.50 -14.47 22.49
N TYR A 234 -10.28 -14.71 22.95
CA TYR A 234 -10.01 -14.40 24.37
C TYR A 234 -9.07 -13.19 24.47
N ALA A 235 -8.87 -12.47 23.37
CA ALA A 235 -7.91 -11.37 23.35
C ALA A 235 -8.23 -10.33 24.40
N TYR A 236 -7.21 -9.76 25.02
N TYR A 236 -7.16 -9.77 24.95
CA TYR A 236 -7.42 -8.64 25.94
CA TYR A 236 -7.11 -8.48 25.62
C TYR A 236 -7.24 -7.34 25.17
C TYR A 236 -7.36 -7.36 24.60
N ARG A 237 -8.23 -6.47 25.21
N ARG A 237 -8.17 -6.41 25.01
CA ARG A 237 -8.28 -5.29 24.33
CA ARG A 237 -8.29 -5.23 24.22
C ARG A 237 -7.89 -4.04 25.10
C ARG A 237 -7.92 -4.03 25.08
N ARG A 238 -7.07 -3.19 24.53
CA ARG A 238 -6.94 -1.82 25.08
C ARG A 238 -8.31 -1.14 25.11
N GLY A 239 -8.49 -0.25 26.11
CA GLY A 239 -9.57 0.69 26.06
C GLY A 239 -9.33 1.68 24.92
N ILE A 240 -10.36 2.35 24.49
CA ILE A 240 -10.33 3.17 23.27
C ILE A 240 -9.33 4.31 23.45
N ALA A 241 -9.25 4.85 24.65
CA ALA A 241 -8.32 5.94 24.92
C ALA A 241 -6.88 5.47 24.70
N GLU A 242 -6.55 4.18 24.84
CA GLU A 242 -5.15 3.73 24.59
C GLU A 242 -5.01 3.05 23.21
N ALA A 243 -6.05 3.09 22.39
CA ALA A 243 -6.01 2.45 21.06
C ALA A 243 -4.92 3.09 20.20
N VAL A 244 -4.38 2.28 19.30
CA VAL A 244 -3.33 2.75 18.43
C VAL A 244 -3.94 3.47 17.23
N GLY A 245 -3.46 4.68 16.96
CA GLY A 245 -3.59 5.25 15.64
C GLY A 245 -4.84 6.06 15.38
N LEU A 246 -5.75 6.21 16.36
CA LEU A 246 -7.01 6.92 16.09
C LEU A 246 -6.77 8.43 16.08
N PRO A 247 -7.43 9.14 15.20
CA PRO A 247 -7.33 10.56 15.14
C PRO A 247 -8.12 11.21 16.28
N SER A 248 -7.77 12.41 16.63
CA SER A 248 -8.38 13.04 17.77
C SER A 248 -9.30 14.18 17.32
N ILE A 249 -9.43 14.44 16.02
CA ILE A 249 -10.34 15.51 15.58
C ILE A 249 -11.22 14.94 14.49
N PRO A 250 -12.46 15.43 14.42
CA PRO A 250 -13.35 14.97 13.38
C PRO A 250 -12.86 15.25 11.93
N VAL A 251 -13.22 14.36 11.02
CA VAL A 251 -12.76 14.41 9.63
C VAL A 251 -13.90 13.93 8.73
N HIS A 252 -14.07 14.59 7.59
CA HIS A 252 -15.11 14.17 6.64
C HIS A 252 -14.69 14.52 5.22
N PRO A 253 -14.99 13.66 4.24
CA PRO A 253 -14.68 13.86 2.84
C PRO A 253 -15.87 14.37 2.00
N ILE A 254 -15.60 15.26 1.04
CA ILE A 254 -16.62 15.79 0.16
C ILE A 254 -16.11 15.84 -1.27
N GLY A 255 -17.07 16.05 -2.18
CA GLY A 255 -16.84 16.19 -3.60
C GLY A 255 -16.62 17.65 -3.96
N TYR A 256 -16.31 17.86 -5.22
CA TYR A 256 -15.85 19.18 -5.63
C TYR A 256 -17.02 20.13 -5.86
N TYR A 257 -18.23 19.68 -6.18
CA TYR A 257 -19.38 20.63 -6.07
C TYR A 257 -19.54 21.18 -4.64
N ASP A 258 -19.51 20.31 -3.64
CA ASP A 258 -19.56 20.81 -2.25
C ASP A 258 -18.36 21.68 -1.91
N ALA A 259 -17.18 21.27 -2.39
CA ALA A 259 -15.94 21.98 -2.01
C ALA A 259 -15.95 23.38 -2.57
N GLN A 260 -16.42 23.53 -3.78
CA GLN A 260 -16.54 24.86 -4.37
C GLN A 260 -17.32 25.80 -3.44
N LYS A 261 -18.43 25.33 -2.88
CA LYS A 261 -19.25 26.15 -2.00
C LYS A 261 -18.51 26.51 -0.71
N LEU A 262 -17.62 25.64 -0.20
CA LEU A 262 -16.88 25.97 1.04
C LEU A 262 -15.69 26.87 0.72
N LEU A 263 -15.11 26.77 -0.46
CA LEU A 263 -13.88 27.51 -0.77
C LEU A 263 -14.19 28.89 -1.38
N GLU A 264 -15.34 29.08 -2.00
CA GLU A 264 -15.51 30.26 -2.87
C GLU A 264 -15.52 31.54 -2.02
N LYS A 265 -15.90 31.47 -0.75
CA LYS A 265 -15.92 32.65 0.07
C LYS A 265 -14.64 32.85 0.89
N MET A 266 -13.57 32.08 0.67
CA MET A 266 -12.33 32.19 1.49
C MET A 266 -11.59 33.53 1.25
N GLY A 267 -11.17 34.11 2.39
CA GLY A 267 -10.46 35.38 2.46
C GLY A 267 -9.05 35.19 3.01
N GLY A 268 -8.58 36.17 3.77
CA GLY A 268 -7.22 36.15 4.33
C GLY A 268 -6.20 36.15 3.21
N SER A 269 -5.06 35.51 3.43
CA SER A 269 -3.93 35.56 2.53
C SER A 269 -4.22 34.82 1.21
N ALA A 270 -3.64 35.32 0.13
CA ALA A 270 -3.67 34.67 -1.18
C ALA A 270 -2.90 33.34 -1.12
N PRO A 271 -3.17 32.42 -2.06
CA PRO A 271 -2.29 31.26 -2.13
C PRO A 271 -0.84 31.70 -2.37
N PRO A 272 0.15 30.96 -1.87
CA PRO A 272 1.51 31.47 -1.98
C PRO A 272 2.14 31.26 -3.36
N ASP A 273 1.57 30.40 -4.18
CA ASP A 273 2.03 30.20 -5.54
C ASP A 273 1.06 29.25 -6.25
N SER A 274 1.29 29.03 -7.54
CA SER A 274 0.35 28.25 -8.37
C SER A 274 0.29 26.75 -7.96
N SER A 275 1.27 26.25 -7.21
CA SER A 275 1.25 24.84 -6.78
C SER A 275 0.14 24.63 -5.73
N TRP A 276 -0.46 25.72 -5.21
CA TRP A 276 -1.53 25.68 -4.22
C TRP A 276 -2.90 25.83 -4.86
N ARG A 277 -2.97 26.15 -6.16
CA ARG A 277 -4.25 26.32 -6.85
C ARG A 277 -4.63 25.06 -7.62
N GLY A 278 -5.80 24.50 -7.32
CA GLY A 278 -6.42 23.46 -8.13
C GLY A 278 -7.17 24.08 -9.30
N SER A 279 -8.25 23.46 -9.76
CA SER A 279 -8.87 23.83 -11.00
C SER A 279 -10.27 24.42 -10.78
N LEU A 280 -10.74 24.62 -9.56
CA LEU A 280 -12.06 25.21 -9.41
C LEU A 280 -11.95 26.73 -9.64
N LYS A 281 -13.08 27.35 -9.90
CA LYS A 281 -13.15 28.79 -10.09
C LYS A 281 -13.28 29.45 -8.73
N VAL A 282 -12.20 29.40 -7.97
CA VAL A 282 -12.11 29.99 -6.66
C VAL A 282 -10.68 30.54 -6.55
N PRO A 283 -10.47 31.52 -5.67
CA PRO A 283 -9.13 32.05 -5.56
C PRO A 283 -8.12 31.11 -4.88
N TYR A 284 -8.58 30.12 -4.11
CA TYR A 284 -7.70 29.23 -3.30
C TYR A 284 -6.93 30.06 -2.26
N ASN A 285 -7.63 31.03 -1.69
CA ASN A 285 -7.07 31.78 -0.59
C ASN A 285 -6.91 30.83 0.60
N VAL A 286 -5.92 31.12 1.41
CA VAL A 286 -5.51 30.27 2.46
C VAL A 286 -6.34 30.54 3.72
N GLY A 287 -6.89 31.75 3.86
CA GLY A 287 -7.65 32.07 5.04
C GLY A 287 -6.73 32.73 6.05
N PRO A 288 -6.99 32.57 7.32
CA PRO A 288 -8.18 31.93 7.88
C PRO A 288 -9.49 32.67 7.59
N GLY A 289 -10.60 31.94 7.58
CA GLY A 289 -11.93 32.59 7.52
C GLY A 289 -12.30 33.10 6.13
N PHE A 290 -13.53 33.64 6.07
CA PHE A 290 -14.16 34.15 4.84
C PHE A 290 -13.88 35.66 4.66
N THR A 291 -14.02 36.13 3.41
CA THR A 291 -13.87 37.59 3.09
C THR A 291 -15.00 38.43 3.69
N GLY A 292 -14.74 39.74 3.78
CA GLY A 292 -15.49 40.79 4.53
C GLY A 292 -16.98 40.53 4.74
N ASN A 293 -17.76 40.35 3.67
CA ASN A 293 -19.24 40.30 3.79
C ASN A 293 -19.68 39.07 4.59
N PHE A 294 -18.88 38.00 4.54
CA PHE A 294 -19.26 36.72 5.09
C PHE A 294 -18.38 36.35 6.29
N SER A 295 -17.68 37.32 6.85
CA SER A 295 -16.66 37.07 7.83
C SER A 295 -17.25 36.49 9.11
N THR A 296 -18.54 36.70 9.34
CA THR A 296 -19.18 36.26 10.57
C THR A 296 -19.80 34.88 10.34
N GLN A 297 -19.80 34.40 9.10
CA GLN A 297 -20.22 33.02 8.87
C GLN A 297 -19.06 32.10 9.25
N LYS A 298 -19.42 30.86 9.60
N LYS A 298 -19.38 30.85 9.59
CA LYS A 298 -18.45 29.84 10.04
CA LYS A 298 -18.35 29.86 9.89
C LYS A 298 -18.77 28.52 9.34
C LYS A 298 -18.83 28.46 9.46
N VAL A 299 -17.90 27.51 9.52
CA VAL A 299 -18.15 26.12 9.07
C VAL A 299 -18.36 25.26 10.31
N LYS A 300 -19.31 24.34 10.22
CA LYS A 300 -19.62 23.46 11.29
C LYS A 300 -19.67 22.03 10.77
N MET A 301 -18.96 21.16 11.45
CA MET A 301 -18.93 19.77 11.03
C MET A 301 -19.96 19.01 11.87
N HIS A 302 -20.61 17.97 11.33
CA HIS A 302 -21.49 17.14 12.15
C HIS A 302 -21.08 15.67 11.96
N ILE A 303 -20.31 15.11 12.88
CA ILE A 303 -19.81 13.74 12.73
C ILE A 303 -20.32 12.86 13.86
N HIS A 304 -20.97 11.74 13.51
CA HIS A 304 -21.62 10.86 14.47
C HIS A 304 -21.30 9.37 14.21
N SER A 305 -20.23 9.10 13.45
CA SER A 305 -19.79 7.77 13.20
C SER A 305 -19.41 7.14 14.53
N THR A 306 -19.53 5.82 14.60
CA THR A 306 -19.15 5.09 15.80
C THR A 306 -18.15 3.97 15.49
N ASN A 307 -17.23 3.75 16.40
CA ASN A 307 -16.25 2.69 16.29
C ASN A 307 -16.85 1.45 16.97
N GLU A 308 -16.73 0.30 16.36
N GLU A 308 -16.68 0.29 16.39
CA GLU A 308 -17.37 -0.90 16.89
CA GLU A 308 -17.41 -0.89 16.86
C GLU A 308 -16.51 -2.11 16.60
C GLU A 308 -16.60 -2.15 16.57
N VAL A 309 -16.40 -2.98 17.59
CA VAL A 309 -15.69 -4.25 17.44
C VAL A 309 -16.60 -5.21 16.64
N THR A 310 -16.06 -5.70 15.54
CA THR A 310 -16.83 -6.36 14.52
C THR A 310 -16.04 -7.55 13.98
N ARG A 311 -16.72 -8.63 13.67
CA ARG A 311 -16.06 -9.84 13.20
C ARG A 311 -15.72 -9.69 11.71
N ILE A 312 -14.52 -10.15 11.38
CA ILE A 312 -13.99 -10.17 10.00
C ILE A 312 -13.52 -11.59 9.70
N TYR A 313 -13.48 -11.92 8.39
CA TYR A 313 -13.20 -13.26 7.92
C TYR A 313 -12.17 -13.29 6.79
N ASN A 314 -11.02 -13.93 7.02
CA ASN A 314 -10.11 -14.21 5.92
C ASN A 314 -10.38 -15.60 5.38
N VAL A 315 -10.19 -15.80 4.07
CA VAL A 315 -10.22 -17.13 3.47
C VAL A 315 -8.78 -17.56 3.21
N ILE A 316 -8.39 -18.70 3.76
CA ILE A 316 -7.01 -19.23 3.66
C ILE A 316 -7.09 -20.56 2.93
N GLY A 317 -6.54 -20.65 1.72
CA GLY A 317 -6.49 -21.95 1.00
C GLY A 317 -5.06 -22.46 0.88
N THR A 318 -4.90 -23.77 0.91
CA THR A 318 -3.60 -24.40 0.98
C THR A 318 -3.48 -25.39 -0.18
N LEU A 319 -2.40 -25.23 -0.92
CA LEU A 319 -1.95 -26.23 -1.92
C LEU A 319 -0.63 -26.81 -1.41
N ARG A 320 -0.72 -27.97 -0.75
N ARG A 320 -0.71 -27.96 -0.76
CA ARG A 320 0.44 -28.61 -0.10
CA ARG A 320 0.42 -28.62 -0.10
C ARG A 320 1.55 -28.96 -1.11
C ARG A 320 1.55 -28.99 -1.09
N GLY A 321 2.78 -28.63 -0.71
CA GLY A 321 3.97 -28.88 -1.56
C GLY A 321 4.35 -30.35 -1.57
N ALA A 322 4.89 -30.82 -2.69
CA ALA A 322 5.21 -32.23 -2.80
C ALA A 322 6.54 -32.50 -2.13
N VAL A 323 7.47 -31.51 -2.10
CA VAL A 323 8.86 -31.77 -1.69
C VAL A 323 9.21 -30.98 -0.43
N GLU A 324 8.85 -29.69 -0.41
CA GLU A 324 9.11 -28.82 0.73
C GLU A 324 7.80 -28.20 1.22
N PRO A 325 6.95 -29.02 1.82
CA PRO A 325 5.64 -28.59 2.26
C PRO A 325 5.76 -27.54 3.37
N ASP A 326 6.94 -27.48 4.02
CA ASP A 326 7.20 -26.50 5.13
C ASP A 326 7.84 -25.18 4.63
N ARG A 327 7.67 -24.88 3.33
CA ARG A 327 8.07 -23.67 2.76
C ARG A 327 6.84 -23.08 2.06
N TYR A 328 6.52 -21.81 2.37
CA TYR A 328 5.26 -21.23 2.00
C TYR A 328 5.47 -20.07 1.04
N VAL A 329 4.83 -20.16 -0.10
CA VAL A 329 4.70 -19.01 -1.04
C VAL A 329 3.26 -18.55 -0.94
N ILE A 330 3.04 -17.28 -0.63
CA ILE A 330 1.72 -16.75 -0.39
C ILE A 330 1.28 -15.78 -1.48
N LEU A 331 0.09 -16.00 -2.03
CA LEU A 331 -0.59 -15.04 -2.93
C LEU A 331 -1.76 -14.49 -2.15
N GLY A 332 -1.75 -13.21 -1.86
CA GLY A 332 -2.80 -12.65 -1.05
C GLY A 332 -3.31 -11.30 -1.55
N GLY A 333 -4.63 -11.10 -1.44
CA GLY A 333 -5.26 -9.83 -1.71
C GLY A 333 -6.59 -9.77 -0.95
N HIS A 334 -7.13 -8.58 -0.75
CA HIS A 334 -8.36 -8.39 0.01
C HIS A 334 -9.59 -8.52 -0.91
N ARG A 335 -10.71 -8.71 -0.21
CA ARG A 335 -12.06 -8.97 -0.67
C ARG A 335 -13.00 -7.83 -0.26
N ASP A 336 -12.79 -7.19 0.89
CA ASP A 336 -13.62 -6.15 1.33
C ASP A 336 -13.48 -4.93 0.48
N SER A 337 -14.60 -4.26 0.26
CA SER A 337 -14.60 -3.10 -0.61
C SER A 337 -15.33 -1.94 0.10
N TRP A 338 -15.10 -0.73 -0.33
CA TRP A 338 -15.90 0.40 0.20
C TRP A 338 -17.34 0.36 -0.34
N VAL A 339 -17.52 0.26 -1.64
CA VAL A 339 -18.83 -0.03 -2.17
C VAL A 339 -18.73 -1.28 -3.08
N PHE A 340 -18.81 -1.12 -4.40
CA PHE A 340 -18.91 -2.30 -5.32
C PHE A 340 -17.52 -2.84 -5.60
N GLY A 341 -16.51 -2.00 -5.51
CA GLY A 341 -15.10 -2.54 -5.55
C GLY A 341 -14.70 -3.02 -6.93
N GLY A 342 -15.26 -2.39 -7.98
CA GLY A 342 -15.01 -2.85 -9.35
C GLY A 342 -13.53 -2.86 -9.72
N ILE A 343 -12.75 -1.87 -9.27
CA ILE A 343 -11.32 -1.94 -9.42
C ILE A 343 -10.72 -2.45 -8.11
N ASP A 344 -10.96 -1.70 -7.04
CA ASP A 344 -10.39 -1.96 -5.73
C ASP A 344 -11.35 -2.67 -4.82
N PRO A 345 -11.22 -3.98 -4.53
CA PRO A 345 -10.11 -4.88 -4.84
C PRO A 345 -10.50 -5.92 -5.90
N GLN A 346 -11.74 -5.87 -6.40
CA GLN A 346 -12.27 -7.10 -7.10
C GLN A 346 -11.54 -7.32 -8.45
N SER A 347 -10.93 -6.31 -9.06
CA SER A 347 -10.14 -6.61 -10.27
C SER A 347 -8.92 -7.45 -9.91
N GLY A 348 -8.42 -7.30 -8.68
CA GLY A 348 -7.37 -8.21 -8.13
C GLY A 348 -7.91 -9.56 -7.63
N ALA A 349 -8.97 -9.55 -6.88
CA ALA A 349 -9.50 -10.82 -6.40
C ALA A 349 -9.98 -11.75 -7.53
N ALA A 350 -10.48 -11.18 -8.64
CA ALA A 350 -10.96 -11.98 -9.80
C ALA A 350 -9.79 -12.73 -10.44
N VAL A 351 -8.65 -12.06 -10.39
CA VAL A 351 -7.39 -12.56 -10.91
C VAL A 351 -6.86 -13.65 -9.99
N VAL A 352 -6.89 -13.40 -8.68
CA VAL A 352 -6.53 -14.46 -7.75
C VAL A 352 -7.39 -15.72 -7.97
N HIS A 353 -8.70 -15.55 -8.10
CA HIS A 353 -9.67 -16.65 -8.27
C HIS A 353 -9.31 -17.48 -9.51
N GLU A 354 -9.00 -16.84 -10.61
CA GLU A 354 -8.53 -17.57 -11.84
C GLU A 354 -7.18 -18.23 -11.64
N ILE A 355 -6.23 -17.58 -10.93
CA ILE A 355 -4.95 -18.25 -10.59
C ILE A 355 -5.23 -19.53 -9.80
N VAL A 356 -6.05 -19.45 -8.76
CA VAL A 356 -6.40 -20.67 -7.97
C VAL A 356 -7.00 -21.76 -8.88
N ARG A 357 -7.98 -21.36 -9.72
CA ARG A 357 -8.62 -22.29 -10.64
C ARG A 357 -7.54 -23.01 -11.48
N SER A 358 -6.59 -22.25 -12.06
N SER A 358 -6.56 -22.26 -11.97
CA SER A 358 -5.54 -22.85 -12.91
CA SER A 358 -5.56 -22.76 -12.89
C SER A 358 -4.66 -23.80 -12.09
C SER A 358 -4.53 -23.66 -12.18
N PHE A 359 -4.18 -23.37 -10.92
CA PHE A 359 -3.31 -24.24 -10.15
C PHE A 359 -4.08 -25.52 -9.82
N GLY A 360 -5.36 -25.39 -9.53
CA GLY A 360 -6.24 -26.49 -9.19
C GLY A 360 -6.45 -27.46 -10.35
N THR A 361 -6.51 -26.98 -11.57
CA THR A 361 -6.66 -27.91 -12.69
C THR A 361 -5.38 -28.76 -12.80
N LEU A 362 -4.19 -28.16 -12.66
CA LEU A 362 -2.94 -28.95 -12.65
C LEU A 362 -2.99 -29.97 -11.51
N LYS A 363 -3.41 -29.53 -10.33
CA LYS A 363 -3.47 -30.41 -9.20
C LYS A 363 -4.37 -31.63 -9.50
N LYS A 364 -5.53 -31.42 -10.11
CA LYS A 364 -6.45 -32.55 -10.43
C LYS A 364 -5.87 -33.54 -11.44
N GLU A 365 -4.93 -33.11 -12.29
CA GLU A 365 -4.18 -34.00 -13.21
C GLU A 365 -2.96 -34.62 -12.53
N GLY A 366 -2.76 -34.41 -11.23
CA GLY A 366 -1.71 -35.13 -10.48
C GLY A 366 -0.51 -34.27 -10.12
N TRP A 367 -0.44 -33.01 -10.55
CA TRP A 367 0.72 -32.17 -10.27
C TRP A 367 0.58 -31.59 -8.86
N ARG A 368 1.72 -31.32 -8.27
CA ARG A 368 1.79 -30.49 -7.06
C ARG A 368 3.03 -29.61 -7.17
N PRO A 369 2.92 -28.39 -6.67
CA PRO A 369 4.11 -27.58 -6.63
C PRO A 369 5.16 -28.18 -5.70
N ARG A 370 6.41 -27.81 -5.90
CA ARG A 370 7.53 -28.24 -5.01
C ARG A 370 7.28 -27.75 -3.56
N ARG A 371 7.00 -26.46 -3.42
CA ARG A 371 6.70 -25.81 -2.10
C ARG A 371 5.20 -25.58 -1.92
N THR A 372 4.79 -25.40 -0.67
CA THR A 372 3.42 -25.10 -0.38
C THR A 372 3.04 -23.70 -0.87
N ILE A 373 1.84 -23.59 -1.45
CA ILE A 373 1.29 -22.31 -1.86
C ILE A 373 0.08 -22.04 -0.96
N LEU A 374 0.05 -20.87 -0.35
CA LEU A 374 -1.09 -20.41 0.42
C LEU A 374 -1.72 -19.26 -0.37
N PHE A 375 -3.06 -19.31 -0.40
CA PHE A 375 -3.89 -18.31 -1.06
C PHE A 375 -4.75 -17.62 -0.01
N ALA A 376 -4.84 -16.30 -0.08
CA ALA A 376 -5.59 -15.59 0.89
C ALA A 376 -6.49 -14.51 0.27
N SER A 377 -7.73 -14.51 0.78
CA SER A 377 -8.73 -13.52 0.60
C SER A 377 -8.88 -12.78 1.95
N TRP A 378 -8.19 -11.68 2.07
CA TRP A 378 -8.11 -10.88 3.34
C TRP A 378 -9.36 -10.03 3.51
N ASP A 379 -9.74 -9.79 4.78
CA ASP A 379 -10.81 -8.97 5.06
C ASP A 379 -10.25 -7.68 5.68
N ALA A 380 -11.11 -6.71 5.69
CA ALA A 380 -10.94 -5.38 6.32
C ALA A 380 -9.60 -4.74 5.97
N GLU A 381 -9.16 -4.88 4.73
CA GLU A 381 -7.98 -4.17 4.33
C GLU A 381 -8.30 -2.68 4.37
N GLU A 382 -9.49 -2.29 4.00
CA GLU A 382 -9.78 -0.83 3.83
C GLU A 382 -9.80 -0.10 5.18
N PHE A 383 -9.85 -0.86 6.29
CA PHE A 383 -9.93 -0.31 7.60
C PHE A 383 -8.59 -0.41 8.33
N GLY A 384 -7.51 -0.62 7.57
CA GLY A 384 -6.17 -0.54 8.13
C GLY A 384 -5.36 -1.81 7.98
N LEU A 385 -5.58 -2.55 6.91
CA LEU A 385 -4.85 -3.78 6.70
C LEU A 385 -5.11 -4.76 7.88
N LEU A 386 -6.34 -4.84 8.36
CA LEU A 386 -6.59 -5.55 9.65
C LEU A 386 -6.59 -7.07 9.48
N GLY A 387 -7.18 -7.59 8.42
CA GLY A 387 -7.24 -9.08 8.23
C GLY A 387 -5.88 -9.71 8.04
N SER A 388 -5.10 -9.19 7.10
CA SER A 388 -3.75 -9.72 6.83
C SER A 388 -2.91 -9.59 8.12
N THR A 389 -3.00 -8.42 8.79
CA THR A 389 -2.18 -8.19 9.98
C THR A 389 -2.52 -9.16 11.12
N GLU A 390 -3.79 -9.33 11.42
CA GLU A 390 -4.16 -10.18 12.57
C GLU A 390 -3.74 -11.62 12.22
N TRP A 391 -3.92 -12.03 10.96
CA TRP A 391 -3.58 -13.43 10.60
C TRP A 391 -2.05 -13.63 10.75
N ALA A 392 -1.26 -12.67 10.29
CA ALA A 392 0.15 -12.75 10.43
C ALA A 392 0.59 -12.68 11.90
N GLU A 393 -0.07 -11.90 12.76
CA GLU A 393 0.22 -11.90 14.19
C GLU A 393 -0.04 -13.29 14.73
N GLU A 394 -1.15 -13.91 14.31
N GLU A 394 -1.11 -13.91 14.29
CA GLU A 394 -1.50 -15.24 14.78
CA GLU A 394 -1.43 -15.19 14.81
C GLU A 394 -0.40 -16.25 14.39
C GLU A 394 -0.37 -16.23 14.39
N ASN A 395 0.06 -16.15 13.15
CA ASN A 395 0.87 -17.20 12.55
C ASN A 395 2.32 -16.74 12.36
N SER A 396 2.79 -15.75 13.11
CA SER A 396 4.13 -15.10 12.90
C SER A 396 5.27 -16.10 13.03
N ARG A 397 5.20 -17.04 13.97
CA ARG A 397 6.27 -18.05 14.12
C ARG A 397 6.39 -18.93 12.86
N LEU A 398 5.28 -19.40 12.29
CA LEU A 398 5.26 -20.19 11.07
C LEU A 398 5.83 -19.36 9.90
N LEU A 399 5.36 -18.13 9.78
CA LEU A 399 5.73 -17.29 8.66
C LEU A 399 7.20 -16.92 8.75
N GLN A 400 7.72 -16.64 9.92
CA GLN A 400 9.11 -16.21 9.90
C GLN A 400 10.09 -17.37 9.68
N GLU A 401 9.72 -18.59 10.06
CA GLU A 401 10.65 -19.68 9.86
C GLU A 401 10.38 -20.37 8.51
N ARG A 402 9.21 -20.17 7.89
CA ARG A 402 8.87 -20.93 6.68
C ARG A 402 8.48 -20.04 5.50
N GLY A 403 8.35 -18.72 5.63
CA GLY A 403 7.78 -17.90 4.55
C GLY A 403 8.83 -17.54 3.52
N VAL A 404 8.67 -18.05 2.31
CA VAL A 404 9.57 -17.74 1.23
C VAL A 404 9.29 -16.34 0.66
N ALA A 405 8.03 -16.09 0.38
CA ALA A 405 7.65 -14.90 -0.36
C ALA A 405 6.17 -14.65 -0.26
N TYR A 406 5.85 -13.36 -0.45
CA TYR A 406 4.47 -12.89 -0.43
C TYR A 406 4.23 -12.02 -1.67
N ILE A 407 3.24 -12.40 -2.47
CA ILE A 407 2.85 -11.70 -3.71
C ILE A 407 1.46 -11.13 -3.46
N ASN A 408 1.33 -9.78 -3.51
CA ASN A 408 0.07 -9.13 -3.20
C ASN A 408 -0.84 -9.20 -4.44
N ALA A 409 -2.14 -8.97 -4.28
CA ALA A 409 -3.08 -9.03 -5.41
C ALA A 409 -4.32 -8.18 -5.12
N ASP A 410 -4.12 -6.87 -4.91
CA ASP A 410 -5.16 -5.94 -4.91
C ASP A 410 -5.36 -5.53 -6.40
N SER A 411 -5.88 -4.33 -6.63
CA SER A 411 -6.29 -3.84 -7.98
C SER A 411 -5.33 -4.31 -9.08
N SER A 412 -5.87 -4.92 -10.13
CA SER A 412 -5.04 -5.43 -11.24
C SER A 412 -4.73 -4.33 -12.26
N ILE A 413 -5.54 -3.28 -12.25
CA ILE A 413 -5.41 -2.14 -13.13
C ILE A 413 -5.67 -0.84 -12.34
N GLU A 414 -4.95 0.20 -12.71
CA GLU A 414 -5.29 1.57 -12.36
C GLU A 414 -5.10 2.43 -13.62
N GLY A 415 -4.95 1.76 -14.76
CA GLY A 415 -4.69 2.39 -16.03
C GLY A 415 -4.48 1.33 -17.08
N ASN A 416 -4.20 1.71 -18.30
CA ASN A 416 -4.07 0.66 -19.35
C ASN A 416 -2.84 0.92 -20.21
N TYR A 417 -1.84 1.59 -19.66
CA TYR A 417 -0.66 2.03 -20.41
C TYR A 417 0.47 1.00 -20.34
N THR A 418 0.88 0.60 -19.14
CA THR A 418 1.99 -0.34 -19.03
C THR A 418 1.97 -0.98 -17.64
N LEU A 419 2.92 -1.88 -17.43
CA LEU A 419 3.09 -2.59 -16.17
C LEU A 419 3.77 -1.72 -15.11
N ARG A 420 3.40 -1.98 -13.88
CA ARG A 420 3.97 -1.39 -12.72
C ARG A 420 4.32 -2.53 -11.77
N VAL A 421 5.59 -2.58 -11.32
CA VAL A 421 6.03 -3.55 -10.32
C VAL A 421 6.73 -2.78 -9.19
N ASP A 422 6.37 -3.08 -7.98
CA ASP A 422 7.09 -2.68 -6.82
C ASP A 422 7.45 -3.98 -6.09
N CYS A 423 8.71 -4.10 -5.67
CA CYS A 423 9.12 -5.33 -5.06
C CYS A 423 10.49 -5.23 -4.40
N THR A 424 10.88 -6.25 -3.66
CA THR A 424 12.19 -6.37 -3.10
C THR A 424 13.19 -6.55 -4.21
N PRO A 425 14.42 -6.03 -4.05
CA PRO A 425 15.46 -6.27 -5.04
C PRO A 425 15.68 -7.77 -5.28
N LEU A 426 15.38 -8.61 -4.28
CA LEU A 426 15.61 -10.04 -4.44
C LEU A 426 14.78 -10.63 -5.60
N MET A 427 13.69 -9.97 -6.03
CA MET A 427 12.83 -10.52 -7.09
C MET A 427 13.05 -9.80 -8.43
N TYR A 428 14.00 -8.89 -8.52
CA TYR A 428 14.21 -8.10 -9.74
C TYR A 428 14.49 -9.00 -10.95
N SER A 429 15.44 -9.96 -10.83
N SER A 429 15.37 -9.97 -10.78
CA SER A 429 15.83 -10.92 -11.94
CA SER A 429 15.80 -10.85 -11.85
C SER A 429 14.64 -11.82 -12.27
C SER A 429 14.68 -11.82 -12.24
N LEU A 430 13.92 -12.30 -11.26
CA LEU A 430 12.71 -13.09 -11.49
C LEU A 430 11.74 -12.35 -12.41
N VAL A 431 11.46 -11.10 -12.09
CA VAL A 431 10.51 -10.27 -12.82
C VAL A 431 11.01 -10.01 -14.24
N HIS A 432 12.29 -9.66 -14.37
CA HIS A 432 12.88 -9.45 -15.68
C HIS A 432 12.73 -10.73 -16.54
N ASN A 433 13.12 -11.87 -15.98
CA ASN A 433 13.08 -13.11 -16.75
C ASN A 433 11.65 -13.53 -17.10
N LEU A 434 10.71 -13.38 -16.17
CA LEU A 434 9.35 -13.79 -16.43
C LEU A 434 8.72 -12.89 -17.50
N THR A 435 8.88 -11.57 -17.40
CA THR A 435 8.28 -10.65 -18.35
C THR A 435 8.87 -10.84 -19.76
N LYS A 436 10.10 -11.33 -19.88
CA LYS A 436 10.68 -11.64 -21.21
C LYS A 436 10.00 -12.84 -21.87
N GLU A 437 9.33 -13.71 -21.12
CA GLU A 437 8.66 -14.88 -21.67
C GLU A 437 7.15 -14.62 -21.87
N LEU A 438 6.60 -13.48 -21.48
CA LEU A 438 5.17 -13.21 -21.58
C LEU A 438 4.93 -12.30 -22.80
N LYS A 439 3.75 -12.40 -23.37
CA LYS A 439 3.39 -11.60 -24.55
C LYS A 439 2.88 -10.24 -24.09
N SER A 440 3.30 -9.18 -24.77
CA SER A 440 2.78 -7.84 -24.48
C SER A 440 1.32 -7.76 -24.96
N PRO A 441 0.42 -7.23 -24.12
CA PRO A 441 -0.95 -7.04 -24.51
C PRO A 441 -1.14 -5.68 -25.19
N ASP A 442 -0.08 -4.88 -25.29
CA ASP A 442 -0.19 -3.50 -25.73
C ASP A 442 -0.36 -3.34 -27.25
N GLU A 443 -1.20 -2.40 -27.65
CA GLU A 443 -1.32 -1.98 -29.05
C GLU A 443 0.04 -1.51 -29.54
N GLY A 444 0.43 -2.01 -30.71
CA GLY A 444 1.71 -1.68 -31.33
C GLY A 444 2.83 -2.56 -30.85
N PHE A 445 2.56 -3.60 -30.05
CA PHE A 445 3.64 -4.49 -29.57
C PHE A 445 3.19 -5.94 -29.74
N GLU A 446 2.28 -6.16 -30.69
N GLU A 446 2.21 -6.19 -30.61
CA GLU A 446 1.84 -7.49 -31.07
CA GLU A 446 1.73 -7.55 -30.78
C GLU A 446 3.08 -8.35 -31.33
C GLU A 446 2.91 -8.37 -31.34
N GLY A 447 3.11 -9.55 -30.77
CA GLY A 447 4.26 -10.45 -31.05
C GLY A 447 5.55 -10.10 -30.32
N LYS A 448 5.58 -9.01 -29.56
CA LYS A 448 6.72 -8.65 -28.70
C LYS A 448 6.45 -9.06 -27.23
N SER A 449 7.52 -9.10 -26.45
CA SER A 449 7.48 -9.53 -25.05
C SER A 449 6.90 -8.40 -24.18
N LEU A 450 6.29 -8.78 -23.05
CA LEU A 450 5.91 -7.75 -22.01
C LEU A 450 7.14 -6.96 -21.53
N TYR A 451 8.30 -7.59 -21.44
CA TYR A 451 9.51 -6.87 -21.04
C TYR A 451 9.82 -5.72 -22.03
N GLU A 452 9.67 -5.97 -23.33
N GLU A 452 9.65 -5.99 -23.32
CA GLU A 452 10.01 -4.95 -24.34
CA GLU A 452 9.96 -5.03 -24.38
C GLU A 452 9.05 -3.75 -24.21
C GLU A 452 9.07 -3.80 -24.27
N SER A 453 7.76 -4.02 -24.14
CA SER A 453 6.80 -2.94 -24.11
C SER A 453 6.95 -2.12 -22.80
N TRP A 454 7.08 -2.82 -21.68
CA TRP A 454 7.23 -2.22 -20.37
C TRP A 454 8.52 -1.36 -20.31
N THR A 455 9.60 -1.94 -20.77
CA THR A 455 10.89 -1.23 -20.77
C THR A 455 10.82 0.03 -21.64
N LYS A 456 10.21 -0.13 -22.82
CA LYS A 456 10.01 1.00 -23.70
C LYS A 456 9.18 2.11 -23.01
N LYS A 457 8.04 1.79 -22.39
CA LYS A 457 7.15 2.83 -21.91
C LYS A 457 7.48 3.29 -20.49
N SER A 458 8.28 2.51 -19.78
CA SER A 458 8.64 2.84 -18.41
C SER A 458 10.11 2.49 -18.16
N PRO A 459 11.04 3.24 -18.81
CA PRO A 459 12.46 2.96 -18.65
C PRO A 459 12.94 3.19 -17.22
N SER A 460 13.88 2.37 -16.82
CA SER A 460 14.63 2.59 -15.60
C SER A 460 15.31 3.95 -15.62
N PRO A 461 15.28 4.68 -14.51
CA PRO A 461 16.08 5.89 -14.47
C PRO A 461 17.59 5.58 -14.41
N GLU A 462 18.00 4.43 -13.85
CA GLU A 462 19.45 4.13 -13.71
C GLU A 462 20.04 3.46 -14.97
N PHE A 463 19.33 2.59 -15.71
CA PHE A 463 20.01 1.74 -16.73
C PHE A 463 19.16 1.61 -18.00
N SER A 464 19.73 2.00 -19.12
N SER A 464 19.71 2.03 -19.13
CA SER A 464 19.06 1.85 -20.40
CA SER A 464 19.00 1.88 -20.41
C SER A 464 18.81 0.35 -20.64
C SER A 464 18.85 0.39 -20.71
N GLY A 465 17.71 0.02 -21.31
CA GLY A 465 17.44 -1.37 -21.70
C GLY A 465 16.78 -2.16 -20.58
N MET A 466 16.50 -1.52 -19.44
CA MET A 466 15.74 -2.14 -18.32
C MET A 466 14.54 -1.27 -17.95
N PRO A 467 13.53 -1.90 -17.35
CA PRO A 467 12.36 -1.17 -16.93
C PRO A 467 12.44 -0.70 -15.47
N ARG A 468 11.59 0.24 -15.15
CA ARG A 468 11.50 0.76 -13.79
C ARG A 468 10.81 -0.25 -12.87
N ILE A 469 11.47 -0.57 -11.77
CA ILE A 469 10.82 -1.32 -10.65
C ILE A 469 11.02 -0.49 -9.38
N SER A 470 9.94 -0.18 -8.67
CA SER A 470 9.97 0.74 -7.55
C SER A 470 10.10 -0.06 -6.25
N LYS A 471 10.51 0.66 -5.21
N LYS A 471 10.58 0.57 -5.20
CA LYS A 471 10.48 0.23 -3.80
CA LYS A 471 10.55 -0.05 -3.88
C LYS A 471 9.03 -0.06 -3.40
C LYS A 471 9.12 -0.07 -3.36
N LEU A 472 8.84 -1.00 -2.47
CA LEU A 472 7.57 -1.13 -1.86
C LEU A 472 7.41 0.01 -0.87
N GLY A 473 6.22 0.62 -0.87
CA GLY A 473 5.77 1.56 0.15
C GLY A 473 4.90 0.80 1.16
N SER A 474 3.73 1.35 1.45
CA SER A 474 2.77 0.66 2.23
C SER A 474 1.34 1.05 1.82
N GLY A 475 0.34 0.82 2.68
CA GLY A 475 -1.03 0.99 2.25
C GLY A 475 -1.60 -0.20 1.50
N ASN A 476 -1.05 -1.37 1.78
CA ASN A 476 -1.66 -2.58 1.33
C ASN A 476 -1.15 -3.77 2.15
N ASP A 477 -1.75 -4.92 1.93
CA ASP A 477 -1.61 -6.06 2.79
C ASP A 477 -0.28 -6.71 2.84
N PHE A 478 0.67 -6.28 2.01
CA PHE A 478 1.99 -6.86 2.14
C PHE A 478 2.76 -6.26 3.34
N GLU A 479 2.32 -5.14 3.88
CA GLU A 479 3.01 -4.41 4.99
C GLU A 479 3.46 -5.36 6.11
N VAL A 480 2.55 -6.18 6.63
CA VAL A 480 2.95 -7.05 7.76
C VAL A 480 4.04 -8.05 7.31
N PHE A 481 3.89 -8.61 6.12
CA PHE A 481 4.79 -9.62 5.68
C PHE A 481 6.20 -9.05 5.41
N PHE A 482 6.28 -7.88 4.83
CA PHE A 482 7.58 -7.29 4.45
C PHE A 482 8.21 -6.47 5.58
N GLN A 483 7.54 -5.40 5.99
CA GLN A 483 8.14 -4.46 6.89
C GLN A 483 8.15 -4.96 8.34
N ARG A 484 7.19 -5.81 8.75
CA ARG A 484 7.28 -6.37 10.10
C ARG A 484 8.09 -7.68 10.13
N LEU A 485 7.77 -8.63 9.25
CA LEU A 485 8.31 -9.96 9.33
C LEU A 485 9.50 -10.23 8.40
N GLY A 486 9.81 -9.39 7.42
CA GLY A 486 10.99 -9.65 6.63
C GLY A 486 10.84 -10.80 5.65
N ILE A 487 9.64 -10.97 5.07
CA ILE A 487 9.47 -11.94 4.00
C ILE A 487 9.50 -11.21 2.66
N ALA A 488 10.29 -11.72 1.68
CA ALA A 488 10.41 -11.08 0.41
C ALA A 488 9.02 -10.89 -0.21
N SER A 489 8.73 -9.69 -0.67
CA SER A 489 7.37 -9.37 -1.09
C SER A 489 7.41 -8.59 -2.40
N GLY A 490 6.31 -8.66 -3.11
CA GLY A 490 6.21 -7.91 -4.38
C GLY A 490 4.75 -7.72 -4.82
N ARG A 491 4.57 -6.78 -5.74
CA ARG A 491 3.26 -6.54 -6.31
C ARG A 491 3.41 -6.07 -7.78
N ALA A 492 2.37 -6.27 -8.60
CA ALA A 492 2.36 -5.91 -10.04
C ALA A 492 0.93 -5.57 -10.48
N ARG A 493 0.81 -4.51 -11.28
CA ARG A 493 -0.48 -4.20 -11.89
C ARG A 493 -0.26 -3.40 -13.16
N TYR A 494 -1.33 -3.20 -13.91
CA TYR A 494 -1.27 -2.31 -15.09
C TYR A 494 -1.56 -0.89 -14.62
N THR A 495 -0.88 0.09 -15.20
CA THR A 495 -0.94 1.45 -14.68
C THR A 495 -1.06 2.42 -15.86
N LYS A 496 -1.18 3.68 -15.52
CA LYS A 496 -1.33 4.74 -16.49
C LYS A 496 0.05 5.31 -16.83
N ASN A 497 0.10 6.20 -17.81
CA ASN A 497 1.30 6.96 -18.12
C ASN A 497 1.31 8.13 -17.16
N TRP A 498 2.25 8.16 -16.24
CA TRP A 498 2.18 9.20 -15.19
C TRP A 498 2.77 10.52 -15.74
N GLU A 499 3.35 10.43 -16.95
CA GLU A 499 4.04 11.52 -17.64
C GLU A 499 3.02 12.47 -18.27
N THR A 500 2.17 11.90 -19.11
CA THR A 500 1.17 12.64 -19.86
C THR A 500 0.01 13.03 -18.95
N ASN A 501 -0.10 12.43 -17.77
CA ASN A 501 -1.28 12.74 -16.96
C ASN A 501 -0.83 13.02 -15.51
N LYS A 502 -1.31 14.17 -15.00
CA LYS A 502 -0.90 14.72 -13.69
C LYS A 502 -1.98 14.48 -12.62
N PHE A 503 -2.83 13.46 -12.77
CA PHE A 503 -3.90 13.24 -11.78
C PHE A 503 -3.45 12.14 -10.79
N SER A 504 -4.20 11.95 -9.70
CA SER A 504 -3.77 11.08 -8.57
C SER A 504 -4.40 9.68 -8.70
N GLY A 505 -3.60 8.62 -8.60
CA GLY A 505 -4.11 7.24 -8.85
C GLY A 505 -5.14 7.21 -9.99
N TYR A 506 -6.30 6.57 -9.77
CA TYR A 506 -7.38 6.69 -10.79
C TYR A 506 -8.52 7.55 -10.21
N PRO A 507 -9.22 8.32 -11.05
CA PRO A 507 -10.21 9.29 -10.52
C PRO A 507 -11.30 8.69 -9.64
N LEU A 508 -11.80 7.51 -9.95
CA LEU A 508 -13.03 7.01 -9.22
C LEU A 508 -12.66 6.14 -8.01
N TYR A 509 -11.40 6.24 -7.58
CA TYR A 509 -10.85 5.53 -6.38
C TYR A 509 -11.72 5.75 -5.15
N HIS A 510 -12.25 4.65 -4.64
CA HIS A 510 -13.01 4.57 -3.40
C HIS A 510 -14.36 5.31 -3.46
N SER A 511 -14.89 5.43 -4.69
N SER A 511 -14.89 5.42 -4.69
CA SER A 511 -16.17 6.09 -4.95
CA SER A 511 -16.17 6.09 -4.95
C SER A 511 -17.22 5.02 -5.30
C SER A 511 -17.22 5.02 -5.30
N VAL A 512 -18.52 5.37 -5.18
CA VAL A 512 -19.60 4.47 -5.59
C VAL A 512 -19.45 4.13 -7.08
N TYR A 513 -18.75 4.97 -7.85
CA TYR A 513 -18.76 4.84 -9.36
C TYR A 513 -17.76 3.79 -9.81
N GLU A 514 -17.01 3.17 -8.87
CA GLU A 514 -16.08 2.08 -9.20
C GLU A 514 -16.87 0.78 -9.37
N THR A 515 -17.22 0.46 -10.60
CA THR A 515 -18.16 -0.61 -10.90
C THR A 515 -17.57 -1.58 -11.92
N TYR A 516 -18.19 -2.75 -12.06
CA TYR A 516 -17.92 -3.61 -13.17
C TYR A 516 -17.92 -2.83 -14.51
N GLU A 517 -18.92 -1.97 -14.72
CA GLU A 517 -19.08 -1.29 -16.03
C GLU A 517 -17.90 -0.33 -16.26
N LEU A 518 -17.40 0.29 -15.19
CA LEU A 518 -16.24 1.15 -15.29
C LEU A 518 -15.10 0.38 -15.94
N VAL A 519 -14.88 -0.83 -15.46
CA VAL A 519 -13.78 -1.63 -15.92
C VAL A 519 -14.04 -2.09 -17.37
N GLU A 520 -15.20 -2.67 -17.59
CA GLU A 520 -15.50 -3.33 -18.86
C GLU A 520 -15.66 -2.30 -19.99
N LYS A 521 -16.16 -1.11 -19.67
CA LYS A 521 -16.35 -0.11 -20.70
C LYS A 521 -15.07 0.68 -20.94
N PHE A 522 -14.34 1.10 -19.88
CA PHE A 522 -13.36 2.17 -20.05
C PHE A 522 -11.92 1.75 -19.77
N TYR A 523 -11.67 0.63 -19.07
CA TYR A 523 -10.28 0.24 -18.69
C TYR A 523 -9.81 -0.96 -19.52
N ASP A 524 -10.61 -2.02 -19.55
CA ASP A 524 -10.09 -3.29 -20.13
C ASP A 524 -11.20 -4.14 -20.69
N PRO A 525 -11.82 -3.69 -21.83
CA PRO A 525 -12.95 -4.34 -22.44
C PRO A 525 -12.70 -5.80 -22.82
N MET A 526 -11.48 -6.17 -23.19
N MET A 526 -11.47 -6.14 -23.23
CA MET A 526 -11.14 -7.55 -23.58
CA MET A 526 -11.08 -7.51 -23.63
C MET A 526 -10.52 -8.33 -22.40
C MET A 526 -10.54 -8.31 -22.42
N PHE A 527 -10.32 -7.66 -21.28
CA PHE A 527 -9.75 -8.28 -20.10
C PHE A 527 -8.33 -8.80 -20.39
N LYS A 528 -7.67 -8.15 -21.34
CA LYS A 528 -6.33 -8.59 -21.74
C LYS A 528 -5.28 -8.04 -20.75
N TYR A 529 -5.51 -6.86 -20.18
CA TYR A 529 -4.60 -6.32 -19.20
C TYR A 529 -4.70 -7.17 -17.94
N HIS A 530 -5.93 -7.51 -17.54
CA HIS A 530 -6.17 -8.43 -16.44
C HIS A 530 -5.41 -9.75 -16.62
N LEU A 531 -5.55 -10.35 -17.79
CA LEU A 531 -4.92 -11.60 -18.09
C LEU A 531 -3.41 -11.45 -17.95
N THR A 532 -2.81 -10.38 -18.50
CA THR A 532 -1.36 -10.16 -18.39
C THR A 532 -0.98 -10.05 -16.91
N VAL A 533 -1.73 -9.28 -16.11
CA VAL A 533 -1.41 -9.23 -14.68
C VAL A 533 -1.56 -10.59 -14.03
N ALA A 534 -2.58 -11.36 -14.37
CA ALA A 534 -2.64 -12.74 -13.87
C ALA A 534 -1.40 -13.58 -14.22
N GLN A 535 -0.88 -13.43 -15.43
CA GLN A 535 0.31 -14.17 -15.84
C GLN A 535 1.54 -13.70 -15.04
N VAL A 536 1.63 -12.39 -14.78
CA VAL A 536 2.78 -11.91 -14.02
C VAL A 536 2.66 -12.41 -12.58
N ARG A 537 1.52 -12.22 -11.94
CA ARG A 537 1.40 -12.59 -10.51
C ARG A 537 1.51 -14.12 -10.35
N GLY A 538 0.73 -14.78 -11.16
CA GLY A 538 0.70 -16.26 -11.23
C GLY A 538 2.04 -16.88 -11.57
N GLY A 539 2.69 -16.31 -12.57
CA GLY A 539 4.02 -16.72 -12.97
C GLY A 539 5.03 -16.59 -11.84
N MET A 540 4.99 -15.47 -11.13
CA MET A 540 5.93 -15.24 -10.03
C MET A 540 5.70 -16.25 -8.93
N VAL A 541 4.45 -16.51 -8.62
CA VAL A 541 4.12 -17.49 -7.61
C VAL A 541 4.60 -18.88 -8.06
N PHE A 542 4.38 -19.19 -9.34
CA PHE A 542 4.75 -20.51 -9.85
C PHE A 542 6.26 -20.76 -9.68
N GLU A 543 7.04 -19.78 -10.12
N GLU A 543 7.07 -19.80 -10.13
CA GLU A 543 8.50 -19.81 -10.09
CA GLU A 543 8.52 -19.95 -10.03
C GLU A 543 9.02 -19.88 -8.64
C GLU A 543 8.94 -20.00 -8.56
N LEU A 544 8.44 -19.09 -7.72
CA LEU A 544 8.80 -19.11 -6.32
C LEU A 544 8.47 -20.48 -5.70
N ALA A 545 7.32 -21.06 -6.05
CA ALA A 545 6.91 -22.30 -5.45
C ALA A 545 7.56 -23.52 -6.13
N ASN A 546 8.13 -23.35 -7.33
CA ASN A 546 8.53 -24.55 -8.06
C ASN A 546 10.01 -24.63 -8.47
N SER A 547 10.72 -23.52 -8.57
N SER A 547 10.70 -23.49 -8.62
CA SER A 547 12.14 -23.55 -8.96
CA SER A 547 12.13 -23.58 -8.88
C SER A 547 12.99 -24.23 -7.87
C SER A 547 12.80 -24.37 -7.75
N ILE A 548 13.94 -25.05 -8.29
N ILE A 548 13.78 -25.15 -8.21
CA ILE A 548 14.66 -25.88 -7.33
CA ILE A 548 14.69 -25.93 -7.37
C ILE A 548 15.50 -25.00 -6.41
C ILE A 548 15.45 -24.98 -6.43
N VAL A 549 16.15 -24.01 -7.03
CA VAL A 549 16.82 -22.93 -6.30
C VAL A 549 15.87 -21.74 -6.27
N LEU A 550 15.66 -21.16 -5.08
CA LEU A 550 14.78 -20.01 -4.97
C LEU A 550 15.27 -18.97 -5.97
N PRO A 551 14.35 -18.37 -6.73
CA PRO A 551 14.68 -17.40 -7.75
C PRO A 551 14.96 -15.97 -7.22
N PHE A 552 15.92 -15.89 -6.31
CA PHE A 552 16.31 -14.60 -5.73
C PHE A 552 17.77 -14.33 -6.08
N ASP A 553 18.05 -13.09 -6.41
CA ASP A 553 19.41 -12.71 -6.69
C ASP A 553 19.96 -11.71 -5.69
N CYS A 554 20.76 -12.24 -4.76
N CYS A 554 20.75 -12.22 -4.76
CA CYS A 554 21.29 -11.41 -3.64
CA CYS A 554 21.23 -11.39 -3.66
C CYS A 554 22.12 -10.25 -4.21
C CYS A 554 22.22 -10.33 -4.15
N ARG A 555 22.70 -10.42 -5.40
CA ARG A 555 23.57 -9.35 -5.96
C ARG A 555 22.75 -8.09 -6.29
N ASP A 556 21.46 -8.26 -6.58
CA ASP A 556 20.62 -7.10 -6.89
C ASP A 556 20.41 -6.22 -5.62
N TYR A 557 20.42 -6.82 -4.44
CA TYR A 557 20.32 -6.07 -3.20
C TYR A 557 21.60 -5.24 -3.04
N ALA A 558 22.76 -5.82 -3.43
CA ALA A 558 24.04 -5.11 -3.24
C ALA A 558 24.04 -3.79 -4.01
N VAL A 559 23.57 -3.86 -5.23
CA VAL A 559 23.50 -2.68 -6.09
C VAL A 559 22.55 -1.62 -5.47
N VAL A 560 21.35 -1.98 -5.00
CA VAL A 560 20.48 -0.93 -4.51
C VAL A 560 21.02 -0.39 -3.19
N LEU A 561 21.63 -1.22 -2.36
CA LEU A 561 22.13 -0.76 -1.07
C LEU A 561 23.16 0.38 -1.29
N ARG A 562 23.98 0.28 -2.35
CA ARG A 562 24.98 1.31 -2.65
C ARG A 562 24.27 2.59 -3.07
N LYS A 563 23.27 2.44 -3.94
CA LYS A 563 22.44 3.56 -4.36
C LYS A 563 21.83 4.24 -3.11
N TYR A 564 21.23 3.47 -2.21
CA TYR A 564 20.60 4.06 -1.02
C TYR A 564 21.65 4.71 -0.12
N ALA A 565 22.81 4.10 0.01
CA ALA A 565 23.84 4.68 0.87
C ALA A 565 24.28 6.04 0.30
N ASP A 566 24.52 6.06 -1.02
CA ASP A 566 24.92 7.32 -1.71
C ASP A 566 23.84 8.39 -1.44
N LYS A 567 22.58 8.00 -1.50
N LYS A 567 22.57 8.01 -1.53
CA LYS A 567 21.52 8.93 -1.39
CA LYS A 567 21.44 8.92 -1.38
C LYS A 567 21.43 9.49 0.03
C LYS A 567 21.44 9.50 0.04
N ILE A 568 21.51 8.63 1.06
CA ILE A 568 21.43 9.14 2.44
C ILE A 568 22.68 10.00 2.76
N TYR A 569 23.87 9.59 2.30
CA TYR A 569 25.08 10.40 2.46
C TYR A 569 24.86 11.81 1.86
N SER A 570 24.29 11.88 0.66
CA SER A 570 24.08 13.20 0.00
C SER A 570 23.13 14.09 0.81
N ILE A 571 22.14 13.48 1.50
CA ILE A 571 21.25 14.30 2.34
C ILE A 571 22.08 14.88 3.48
N SER A 572 22.89 14.05 4.12
CA SER A 572 23.68 14.49 5.25
C SER A 572 24.65 15.61 4.86
N MET A 573 25.28 15.44 3.69
N MET A 573 25.29 15.47 3.70
CA MET A 573 26.31 16.40 3.20
CA MET A 573 26.33 16.42 3.24
C MET A 573 25.71 17.77 2.83
C MET A 573 25.72 17.77 2.81
N LYS A 574 24.41 17.95 2.92
CA LYS A 574 23.85 19.31 2.94
C LYS A 574 24.27 20.06 4.21
N HIS A 575 24.87 19.38 5.21
CA HIS A 575 25.23 19.95 6.51
C HIS A 575 26.71 19.69 6.85
N PRO A 576 27.62 20.16 5.96
CA PRO A 576 29.07 19.88 6.12
C PRO A 576 29.66 20.35 7.46
N GLN A 577 29.29 21.54 7.95
N GLN A 577 29.25 21.51 7.95
CA GLN A 577 29.86 22.02 9.22
CA GLN A 577 29.88 22.04 9.16
C GLN A 577 29.47 21.04 10.35
C GLN A 577 29.41 21.23 10.39
N GLU A 578 28.19 20.70 10.41
CA GLU A 578 27.74 19.83 11.50
C GLU A 578 28.41 18.45 11.39
N MET A 579 28.56 17.98 10.18
CA MET A 579 29.23 16.68 10.03
C MET A 579 30.67 16.76 10.59
N LYS A 580 31.35 17.91 10.43
CA LYS A 580 32.71 18.07 10.97
C LYS A 580 32.68 18.16 12.50
N THR A 581 31.82 19.03 13.00
CA THR A 581 31.73 19.32 14.43
C THR A 581 31.38 18.06 15.18
N TYR A 582 30.43 17.28 14.68
CA TYR A 582 29.95 16.09 15.41
C TYR A 582 30.61 14.80 14.92
N SER A 583 31.58 14.88 14.00
N SER A 583 31.56 14.87 13.99
CA SER A 583 32.34 13.71 13.57
CA SER A 583 32.32 13.70 13.57
C SER A 583 31.38 12.64 13.00
C SER A 583 31.36 12.63 13.00
N VAL A 584 30.50 13.09 12.11
CA VAL A 584 29.48 12.25 11.50
C VAL A 584 30.10 11.58 10.27
N SER A 585 30.42 10.31 10.38
CA SER A 585 31.01 9.52 9.31
C SER A 585 30.03 8.44 8.82
N PHE A 586 29.91 8.34 7.50
CA PHE A 586 29.19 7.23 6.85
C PHE A 586 30.15 6.08 6.48
N ASP A 587 31.41 6.13 6.92
CA ASP A 587 32.37 5.08 6.55
C ASP A 587 31.94 3.67 6.84
N SER A 588 31.40 3.42 8.02
CA SER A 588 30.92 2.09 8.41
C SER A 588 29.80 1.59 7.48
N LEU A 589 28.89 2.44 7.04
CA LEU A 589 27.81 2.03 6.19
C LEU A 589 28.35 1.68 4.78
N PHE A 590 29.24 2.49 4.24
CA PHE A 590 29.85 2.16 2.96
C PHE A 590 30.67 0.88 3.06
N SER A 591 31.41 0.68 4.15
CA SER A 591 32.17 -0.55 4.36
C SER A 591 31.24 -1.78 4.39
N ALA A 592 30.16 -1.70 5.17
CA ALA A 592 29.20 -2.80 5.22
C ALA A 592 28.68 -3.12 3.81
N VAL A 593 28.36 -2.07 3.04
CA VAL A 593 27.78 -2.26 1.69
C VAL A 593 28.79 -2.94 0.78
N LYS A 594 30.05 -2.51 0.83
N LYS A 594 30.06 -2.50 0.83
CA LYS A 594 31.16 -3.14 0.05
CA LYS A 594 31.23 -3.11 0.12
C LYS A 594 31.29 -4.62 0.47
C LYS A 594 31.31 -4.60 0.47
N ASN A 595 31.22 -4.90 1.76
CA ASN A 595 31.31 -6.26 2.21
C ASN A 595 30.14 -7.10 1.71
N PHE A 596 28.94 -6.50 1.77
CA PHE A 596 27.73 -7.17 1.28
C PHE A 596 27.93 -7.55 -0.20
N THR A 597 28.44 -6.60 -0.98
CA THR A 597 28.68 -6.82 -2.41
C THR A 597 29.63 -7.99 -2.65
N GLU A 598 30.72 -8.03 -1.89
CA GLU A 598 31.76 -9.01 -2.05
C GLU A 598 31.22 -10.39 -1.68
N ILE A 599 30.49 -10.43 -0.56
CA ILE A 599 30.03 -11.71 -0.04
C ILE A 599 28.91 -12.24 -0.94
N ALA A 600 28.05 -11.35 -1.41
CA ALA A 600 26.97 -11.73 -2.26
C ALA A 600 27.55 -12.30 -3.57
N SER A 601 28.63 -11.72 -4.06
CA SER A 601 29.23 -12.21 -5.30
C SER A 601 29.81 -13.63 -5.10
N LYS A 602 30.48 -13.91 -3.99
CA LYS A 602 31.04 -15.20 -3.71
C LYS A 602 29.90 -16.21 -3.48
N PHE A 603 28.82 -15.79 -2.81
CA PHE A 603 27.67 -16.65 -2.59
C PHE A 603 27.08 -17.10 -3.93
N SER A 604 26.91 -16.13 -4.83
N SER A 604 26.92 -16.15 -4.84
CA SER A 604 26.36 -16.37 -6.15
CA SER A 604 26.33 -16.41 -6.12
C SER A 604 27.16 -17.43 -6.91
C SER A 604 27.16 -17.45 -6.92
N GLU A 605 28.49 -17.38 -6.82
CA GLU A 605 29.35 -18.37 -7.49
C GLU A 605 29.12 -19.76 -6.88
N ARG A 606 28.98 -19.81 -5.55
CA ARG A 606 28.75 -21.10 -4.93
C ARG A 606 27.39 -21.66 -5.36
N LEU A 607 26.42 -20.77 -5.51
CA LEU A 607 25.08 -21.17 -5.89
C LEU A 607 25.09 -21.73 -7.32
N GLN A 608 25.89 -21.11 -8.20
N GLN A 608 26.02 -21.28 -8.17
CA GLN A 608 25.89 -21.48 -9.62
CA GLN A 608 26.20 -21.92 -9.47
C GLN A 608 26.62 -22.82 -9.78
C GLN A 608 26.89 -23.30 -9.33
N ASP A 609 27.61 -23.03 -8.91
N ASP A 609 27.84 -23.41 -8.41
CA ASP A 609 28.63 -24.08 -8.99
CA ASP A 609 28.79 -24.54 -8.33
C ASP A 609 28.55 -25.23 -7.96
C ASP A 609 28.43 -25.77 -7.49
N PHE A 610 27.64 -25.17 -6.97
N PHE A 610 27.19 -26.31 -7.51
CA PHE A 610 27.57 -26.26 -5.96
CA PHE A 610 26.90 -27.42 -6.58
C PHE A 610 26.95 -27.50 -6.62
C PHE A 610 25.88 -28.38 -7.19
N LYS A 612 24.62 -30.87 -6.82
N LYS A 612 23.24 -29.88 -7.62
CA LYS A 612 25.16 -32.20 -7.26
CA LYS A 612 22.13 -30.19 -6.75
C LYS A 612 24.29 -33.41 -6.85
C LYS A 612 21.91 -31.69 -6.88
N SER A 613 23.02 -33.21 -7.04
N SER A 613 20.74 -32.08 -6.39
CA SER A 613 21.98 -33.81 -6.21
CA SER A 613 20.29 -33.47 -6.11
C SER A 613 22.45 -33.85 -4.75
C SER A 613 20.85 -33.97 -4.76
N ASN A 614 22.99 -32.74 -4.23
N ASN A 614 21.67 -33.17 -4.06
CA ASN A 614 23.12 -32.67 -2.76
CA ASN A 614 21.94 -33.38 -2.61
C ASN A 614 22.06 -31.71 -2.19
C ASN A 614 20.87 -32.65 -1.80
N PRO A 615 21.00 -32.30 -1.60
N PRO A 615 19.96 -33.40 -1.15
CA PRO A 615 19.78 -31.60 -1.24
CA PRO A 615 18.80 -32.71 -0.59
C PRO A 615 20.01 -30.70 0.00
C PRO A 615 19.12 -31.76 0.57
N ILE A 616 20.92 -31.14 0.89
N ILE A 616 20.00 -32.12 1.51
CA ILE A 616 21.24 -30.40 2.08
CA ILE A 616 20.25 -31.23 2.64
C ILE A 616 21.98 -29.10 1.68
C ILE A 616 21.09 -30.04 2.19
N VAL A 617 22.95 -29.17 0.78
N VAL A 617 22.00 -30.23 1.23
CA VAL A 617 23.66 -27.95 0.35
CA VAL A 617 22.82 -29.11 0.78
C VAL A 617 22.63 -27.03 -0.34
C VAL A 617 21.91 -28.12 0.04
N LEU A 618 21.76 -27.65 -1.13
N LEU A 618 20.98 -28.60 -0.76
CA LEU A 618 20.73 -26.90 -1.84
CA LEU A 618 20.06 -27.69 -1.43
C LEU A 618 19.83 -26.21 -0.81
C LEU A 618 19.24 -26.97 -0.36
N ARG A 619 19.32 -26.99 0.12
N ARG A 619 18.82 -27.63 0.71
CA ARG A 619 18.38 -26.44 1.07
CA ARG A 619 18.02 -26.96 1.73
C ARG A 619 19.10 -25.36 1.89
C ARG A 619 18.85 -25.87 2.44
N MET A 620 20.39 -25.55 2.16
N MET A 620 20.15 -26.10 2.71
CA MET A 620 21.10 -24.70 3.09
CA MET A 620 21.07 -25.06 3.28
C MET A 620 21.35 -23.38 2.34
C MET A 620 20.98 -23.79 2.42
N MET A 621 21.55 -23.45 1.02
N MET A 621 21.24 -23.93 1.12
CA MET A 621 21.57 -22.22 0.26
CA MET A 621 21.47 -22.76 0.25
C MET A 621 20.14 -21.73 -0.03
C MET A 621 20.20 -21.89 0.12
N ASN A 622 19.08 -22.58 -0.11
CA ASN A 622 17.71 -21.98 -0.24
C ASN A 622 17.35 -21.27 1.09
N ASP A 623 17.81 -21.79 2.20
CA ASP A 623 17.55 -21.15 3.51
C ASP A 623 18.34 -19.87 3.62
N GLN A 624 19.60 -19.82 3.15
CA GLN A 624 20.33 -18.57 3.07
C GLN A 624 19.56 -17.56 2.23
N LEU A 625 19.08 -17.98 1.07
CA LEU A 625 18.31 -17.06 0.20
C LEU A 625 17.02 -16.55 0.89
N MET A 626 16.28 -17.45 1.48
CA MET A 626 15.02 -17.16 2.12
C MET A 626 15.21 -16.25 3.36
N PHE A 627 16.25 -16.51 4.14
CA PHE A 627 16.51 -15.71 5.37
C PHE A 627 17.23 -14.38 5.08
N LEU A 628 17.58 -14.11 3.82
CA LEU A 628 18.31 -12.88 3.55
C LEU A 628 17.41 -11.66 3.78
N GLU A 629 16.18 -11.66 3.22
CA GLU A 629 15.23 -10.65 3.58
C GLU A 629 15.05 -10.54 5.10
N ARG A 630 15.00 -11.67 5.78
CA ARG A 630 14.75 -11.72 7.16
C ARG A 630 15.87 -11.03 7.95
N ALA A 631 17.09 -11.11 7.44
CA ALA A 631 18.23 -10.55 8.11
C ALA A 631 18.11 -9.03 8.26
N PHE A 632 17.32 -8.34 7.45
CA PHE A 632 17.26 -6.87 7.57
C PHE A 632 16.25 -6.45 8.63
N ILE A 633 15.64 -7.39 9.31
CA ILE A 633 14.72 -7.08 10.43
C ILE A 633 15.53 -6.76 11.70
N ASP A 634 15.21 -5.64 12.37
CA ASP A 634 15.74 -5.34 13.71
C ASP A 634 14.59 -5.59 14.74
N PRO A 635 14.77 -6.49 15.68
CA PRO A 635 13.71 -6.82 16.58
C PRO A 635 13.32 -5.63 17.48
N LEU A 636 14.10 -4.53 17.54
CA LEU A 636 13.75 -3.36 18.39
C LEU A 636 12.94 -2.37 17.56
N GLY A 637 12.80 -2.64 16.25
CA GLY A 637 11.99 -1.81 15.40
C GLY A 637 12.61 -0.43 15.21
N LEU A 638 11.98 0.47 14.44
CA LEU A 638 12.45 1.81 14.21
C LEU A 638 11.96 2.72 15.35
N PRO A 639 12.54 3.93 15.51
CA PRO A 639 12.05 4.76 16.64
C PRO A 639 10.57 5.13 16.63
N ASP A 640 9.91 4.79 17.73
CA ASP A 640 8.48 4.95 17.98
C ASP A 640 7.59 4.28 16.99
N ARG A 641 8.16 3.35 16.22
CA ARG A 641 7.40 2.54 15.27
C ARG A 641 7.86 1.08 15.38
N PRO A 642 7.44 0.41 16.45
CA PRO A 642 7.94 -0.94 16.75
C PRO A 642 7.55 -1.99 15.72
N PHE A 643 6.48 -1.77 14.92
CA PHE A 643 6.07 -2.76 13.96
C PHE A 643 6.69 -2.52 12.60
N TYR A 644 7.45 -1.43 12.44
CA TYR A 644 8.31 -1.29 11.22
C TYR A 644 9.75 -1.67 11.61
N ARG A 645 10.14 -2.90 11.27
N ARG A 645 10.17 -2.87 11.23
CA ARG A 645 11.33 -3.58 11.79
CA ARG A 645 11.36 -3.52 11.76
C ARG A 645 12.40 -3.74 10.68
C ARG A 645 12.43 -3.71 10.67
N HIS A 646 12.08 -3.55 9.40
CA HIS A 646 13.05 -3.66 8.32
C HIS A 646 13.95 -2.41 8.34
N VAL A 647 15.26 -2.57 8.30
CA VAL A 647 16.18 -1.39 8.44
C VAL A 647 16.42 -0.69 7.11
N ILE A 648 16.19 -1.39 5.99
CA ILE A 648 16.44 -0.79 4.68
C ILE A 648 15.24 0.00 4.20
N TYR A 649 14.02 -0.54 4.45
CA TYR A 649 12.78 -0.03 3.90
C TYR A 649 11.71 0.20 4.99
N ALA A 650 11.09 1.36 4.98
CA ALA A 650 9.89 1.58 5.81
C ALA A 650 8.97 2.51 5.01
N PRO A 651 7.69 2.56 5.36
CA PRO A 651 6.82 3.58 4.79
C PRO A 651 7.32 4.94 5.25
N SER A 652 7.24 5.93 4.38
CA SER A 652 7.63 7.25 4.72
C SER A 652 6.79 7.74 5.90
N SER A 653 7.47 8.40 6.83
N SER A 653 7.42 8.34 6.90
CA SER A 653 6.81 9.03 7.96
CA SER A 653 6.67 8.96 7.99
C SER A 653 5.88 10.17 7.52
C SER A 653 5.81 10.14 7.50
N HIS A 654 6.04 10.62 6.29
CA HIS A 654 5.24 11.74 5.73
C HIS A 654 4.20 11.20 4.75
N ASN A 655 4.28 9.91 4.38
CA ASN A 655 3.36 9.42 3.35
C ASN A 655 3.44 7.90 3.31
N LYS A 656 2.49 7.26 3.95
CA LYS A 656 2.47 5.82 4.12
C LYS A 656 2.57 5.08 2.78
N TYR A 657 2.10 5.71 1.72
CA TYR A 657 2.14 5.02 0.43
C TYR A 657 3.57 4.93 -0.12
N ALA A 658 4.44 5.87 0.24
CA ALA A 658 5.79 5.93 -0.35
C ALA A 658 6.76 5.14 0.54
N GLY A 659 7.61 4.41 -0.12
CA GLY A 659 8.75 3.77 0.56
C GLY A 659 9.87 4.77 0.82
N GLU A 660 10.53 4.62 1.96
CA GLU A 660 11.76 5.36 2.26
C GLU A 660 12.88 4.34 2.53
N SER A 661 14.05 4.60 1.99
CA SER A 661 15.24 3.76 2.19
C SER A 661 16.07 4.33 3.35
N PHE A 662 16.75 3.43 4.10
CA PHE A 662 17.47 3.78 5.36
C PHE A 662 16.61 4.77 6.14
N PRO A 663 15.37 4.36 6.45
CA PRO A 663 14.38 5.21 7.10
C PRO A 663 14.84 5.74 8.48
N GLY A 664 15.65 4.98 9.20
CA GLY A 664 16.09 5.40 10.55
C GLY A 664 16.99 6.63 10.41
N ILE A 665 17.91 6.59 9.43
CA ILE A 665 18.80 7.71 9.15
C ILE A 665 17.99 8.85 8.53
N TYR A 666 17.13 8.53 7.56
CA TYR A 666 16.40 9.59 6.87
C TYR A 666 15.64 10.47 7.90
N ASP A 667 14.92 9.81 8.79
CA ASP A 667 14.10 10.54 9.77
C ASP A 667 14.95 11.30 10.79
N ALA A 668 16.10 10.76 11.18
CA ALA A 668 17.03 11.49 12.07
C ALA A 668 17.53 12.76 11.38
N LEU A 669 17.77 12.69 10.07
CA LEU A 669 18.21 13.89 9.27
C LEU A 669 17.09 14.86 8.92
N PHE A 670 15.84 14.40 8.90
CA PHE A 670 14.77 15.28 8.38
C PHE A 670 14.58 16.51 9.27
N ASP A 671 14.59 17.66 8.60
CA ASP A 671 14.41 18.97 9.24
C ASP A 671 15.41 19.17 10.38
N ILE A 672 16.59 18.56 10.29
CA ILE A 672 17.48 18.53 11.46
C ILE A 672 17.90 19.97 11.83
N GLU A 673 17.95 20.84 10.82
CA GLU A 673 18.40 22.22 11.09
C GLU A 673 17.40 23.00 11.97
N SER A 674 16.20 22.48 12.24
N SER A 674 16.21 22.46 12.22
CA SER A 674 15.23 23.18 13.07
CA SER A 674 15.21 23.15 13.06
C SER A 674 15.18 22.59 14.48
C SER A 674 15.37 22.74 14.53
N LYS A 675 16.04 21.61 14.81
CA LYS A 675 16.06 21.06 16.16
C LYS A 675 16.86 21.97 17.11
N VAL A 676 16.42 21.99 18.35
CA VAL A 676 16.90 22.99 19.33
C VAL A 676 18.28 22.57 19.85
N ASP A 677 18.51 21.26 20.01
CA ASP A 677 19.76 20.71 20.54
C ASP A 677 20.49 19.90 19.43
N PRO A 678 21.35 20.59 18.68
CA PRO A 678 21.97 19.96 17.54
C PRO A 678 22.91 18.79 17.90
N SER A 679 23.59 18.87 19.03
N SER A 679 23.58 18.87 19.04
CA SER A 679 24.46 17.75 19.43
CA SER A 679 24.45 17.76 19.43
C SER A 679 23.63 16.48 19.61
C SER A 679 23.64 16.49 19.60
N LYS A 680 22.48 16.63 20.24
CA LYS A 680 21.61 15.52 20.48
C LYS A 680 21.07 14.96 19.13
N ALA A 681 20.62 15.82 18.24
CA ALA A 681 20.06 15.40 16.98
C ALA A 681 21.13 14.71 16.10
N TRP A 682 22.37 15.26 16.04
CA TRP A 682 23.42 14.64 15.21
C TRP A 682 23.91 13.36 15.87
N GLY A 683 23.83 13.27 17.21
CA GLY A 683 24.09 12.01 17.91
C GLY A 683 23.14 10.91 17.44
N GLU A 684 21.86 11.25 17.23
CA GLU A 684 20.86 10.25 16.84
C GLU A 684 21.11 9.85 15.38
N VAL A 685 21.55 10.81 14.53
CA VAL A 685 22.05 10.45 13.14
C VAL A 685 23.13 9.37 13.23
N LYS A 686 24.13 9.61 14.06
CA LYS A 686 25.25 8.68 14.18
C LYS A 686 24.76 7.33 14.68
N ARG A 687 23.86 7.38 15.67
CA ARG A 687 23.29 6.13 16.16
C ARG A 687 22.65 5.31 15.03
N GLN A 688 21.86 5.97 14.21
CA GLN A 688 21.14 5.30 13.14
C GLN A 688 22.11 4.80 12.06
N ILE A 689 23.20 5.54 11.81
CA ILE A 689 24.22 5.11 10.89
C ILE A 689 24.78 3.77 11.38
N TYR A 690 25.16 3.69 12.62
CA TYR A 690 25.64 2.47 13.28
C TYR A 690 24.64 1.33 13.15
N VAL A 691 23.38 1.58 13.48
CA VAL A 691 22.36 0.52 13.33
C VAL A 691 22.32 -0.01 11.86
N ALA A 692 22.30 0.88 10.87
CA ALA A 692 22.22 0.44 9.48
C ALA A 692 23.45 -0.32 9.05
N ALA A 693 24.62 0.19 9.44
CA ALA A 693 25.88 -0.44 9.06
C ALA A 693 25.96 -1.85 9.65
N PHE A 694 25.60 -1.97 10.93
CA PHE A 694 25.63 -3.25 11.61
C PHE A 694 24.67 -4.21 10.92
N THR A 695 23.49 -3.74 10.60
CA THR A 695 22.47 -4.64 10.05
C THR A 695 22.83 -5.12 8.64
N VAL A 696 23.39 -4.22 7.82
CA VAL A 696 23.85 -4.60 6.47
C VAL A 696 24.98 -5.63 6.56
N GLN A 697 25.94 -5.40 7.49
CA GLN A 697 27.05 -6.37 7.67
C GLN A 697 26.48 -7.73 8.16
N ALA A 698 25.53 -7.65 9.06
CA ALA A 698 24.93 -8.87 9.58
C ALA A 698 24.19 -9.65 8.50
N ALA A 699 23.46 -8.94 7.62
CA ALA A 699 22.80 -9.54 6.48
C ALA A 699 23.81 -10.19 5.53
N ALA A 700 24.87 -9.46 5.20
CA ALA A 700 25.95 -10.00 4.39
C ALA A 700 26.47 -11.33 4.97
N GLU A 701 26.65 -11.35 6.30
CA GLU A 701 27.28 -12.51 6.98
C GLU A 701 26.38 -13.74 6.96
N THR A 702 25.09 -13.57 6.74
CA THR A 702 24.19 -14.73 6.62
C THR A 702 24.49 -15.45 5.30
N LEU A 703 25.19 -14.81 4.38
CA LEU A 703 25.53 -15.40 3.10
C LEU A 703 26.97 -15.90 3.06
N SER A 704 27.80 -15.68 4.09
CA SER A 704 29.13 -16.33 4.13
C SER A 704 28.95 -17.85 4.22
N GLU A 705 30.01 -18.61 4.02
CA GLU A 705 29.94 -20.05 4.33
C GLU A 705 29.54 -20.22 5.80
N VAL A 706 28.76 -21.25 6.03
CA VAL A 706 28.04 -21.33 7.30
C VAL A 706 28.98 -21.82 8.42
N ALA A 707 30.10 -22.42 8.04
CA ALA A 707 31.03 -22.98 9.03
C ALA A 707 32.36 -23.25 8.34
#